data_2YJZ
#
_entry.id   2YJZ
#
_cell.length_a   69.228
_cell.length_b   85.111
_cell.length_c   128.035
_cell.angle_alpha   90.00
_cell.angle_beta   90.00
_cell.angle_gamma   90.00
#
_symmetry.space_group_name_H-M   'P 21 21 21'
#
loop_
_entity.id
_entity.type
_entity.pdbx_description
1 polymer 'METALLOREDUCTASE STEAP4'
2 non-polymer 'NADP NICOTINAMIDE-ADENINE-DINUCLEOTIDE PHOSPHATE'
3 non-polymer 'SULFATE ION'
4 water water
#
_entity_poly.entity_id   1
_entity_poly.type   'polypeptide(L)'
_entity_poly.pdbx_seq_one_letter_code
;MEKTCADEFPLTVDSSEKQGVVCIFGTGDFGKSLGLKMLQCGYSVVFGSRNPQVSSLLPRGAEVLCYSEAASRSDVIVLA
VHREHYDFLAELADSLKGRVLIDVSNNQKMNQYPESNAEYLAQLVPGAHVVKAFNTISAWALQSGTLDASRQVFVCGNDS
KAKDRVMDIARTLGLTPLDQGSLVAAKEIENYPLQHHHHHH
;
_entity_poly.pdbx_strand_id   A,B,C,D
#
loop_
_chem_comp.id
_chem_comp.type
_chem_comp.name
_chem_comp.formula
NAP non-polymer 'NADP NICOTINAMIDE-ADENINE-DINUCLEOTIDE PHOSPHATE' 'C21 H28 N7 O17 P3'
SO4 non-polymer 'SULFATE ION' 'O4 S -2'
#
# COMPACT_ATOMS: atom_id res chain seq x y z
N GLN A 19 16.25 -6.07 14.27
CA GLN A 19 16.03 -5.57 15.66
C GLN A 19 14.56 -5.81 16.09
N GLY A 20 14.23 -5.52 17.36
CA GLY A 20 12.94 -5.85 17.92
C GLY A 20 11.91 -4.77 17.65
N VAL A 21 10.92 -4.70 18.53
CA VAL A 21 9.81 -3.80 18.44
C VAL A 21 10.05 -2.66 19.40
N VAL A 22 9.74 -1.43 18.98
CA VAL A 22 9.68 -0.27 19.85
C VAL A 22 8.33 0.41 19.69
N CYS A 23 7.83 0.90 20.82
CA CYS A 23 6.57 1.65 20.89
C CYS A 23 6.85 3.16 21.12
N ILE A 24 6.25 4.04 20.34
CA ILE A 24 6.33 5.49 20.53
C ILE A 24 4.95 5.99 20.92
N PHE A 25 4.86 6.54 22.13
CA PHE A 25 3.62 7.22 22.59
C PHE A 25 3.69 8.64 22.04
N GLY A 26 2.70 9.00 21.22
CA GLY A 26 2.55 10.30 20.72
C GLY A 26 2.98 10.37 19.26
N THR A 27 2.27 11.18 18.50
CA THR A 27 2.44 11.17 17.07
C THR A 27 2.81 12.55 16.50
N GLY A 28 3.45 13.37 17.32
CA GLY A 28 3.80 14.73 16.91
C GLY A 28 5.13 14.77 16.19
N ASP A 29 5.83 15.90 16.27
CA ASP A 29 7.10 16.10 15.54
C ASP A 29 8.14 15.13 15.97
N PHE A 30 8.35 14.99 17.27
CA PHE A 30 9.40 14.12 17.78
C PHE A 30 9.06 12.64 17.49
N GLY A 31 7.85 12.24 17.84
CA GLY A 31 7.42 10.86 17.57
C GLY A 31 7.57 10.46 16.11
N LYS A 32 7.14 11.32 15.19
CA LYS A 32 7.24 11.03 13.78
C LYS A 32 8.65 10.91 13.30
N SER A 33 9.47 11.81 13.77
CA SER A 33 10.85 11.85 13.33
C SER A 33 11.59 10.62 13.83
N LEU A 34 11.42 10.30 15.11
CA LEU A 34 12.11 9.13 15.69
C LEU A 34 11.54 7.83 15.09
N GLY A 35 10.25 7.79 14.90
CA GLY A 35 9.64 6.61 14.33
C GLY A 35 10.22 6.29 12.98
N LEU A 36 10.28 7.29 12.13
CA LEU A 36 10.80 7.12 10.80
C LEU A 36 12.23 6.63 10.84
N LYS A 37 13.05 7.25 11.68
CA LYS A 37 14.46 6.82 11.79
C LYS A 37 14.56 5.40 12.30
N MET A 38 13.78 5.09 13.31
CA MET A 38 13.75 3.71 13.81
C MET A 38 13.31 2.68 12.76
N LEU A 39 12.30 3.00 11.95
CA LEU A 39 11.92 2.09 10.85
C LEU A 39 13.08 1.93 9.88
N GLN A 40 13.77 3.02 9.57
CA GLN A 40 14.88 3.00 8.62
C GLN A 40 16.05 2.19 9.15
N CYS A 41 16.19 2.09 10.48
CA CYS A 41 17.25 1.30 11.11
C CYS A 41 16.84 -0.15 11.40
N GLY A 42 15.68 -0.56 10.96
CA GLY A 42 15.31 -1.95 11.07
C GLY A 42 14.41 -2.32 12.23
N TYR A 43 14.04 -1.38 13.08
CA TYR A 43 13.05 -1.70 14.13
C TYR A 43 11.63 -1.84 13.54
N SER A 44 10.78 -2.64 14.16
CA SER A 44 9.32 -2.49 13.98
C SER A 44 8.85 -1.42 14.93
N VAL A 45 7.93 -0.57 14.50
CA VAL A 45 7.48 0.55 15.32
C VAL A 45 5.98 0.48 15.47
N VAL A 46 5.50 0.64 16.68
CA VAL A 46 4.12 0.80 16.94
C VAL A 46 3.93 2.21 17.58
N PHE A 47 3.00 3.00 17.08
CA PHE A 47 2.56 4.29 17.70
C PHE A 47 1.33 4.09 18.61
N GLY A 48 1.39 4.74 19.77
CA GLY A 48 0.21 4.95 20.60
C GLY A 48 -0.27 6.35 20.39
N SER A 49 -1.58 6.49 20.27
CA SER A 49 -2.22 7.77 19.90
C SER A 49 -3.60 7.90 20.55
N ARG A 50 -4.00 9.12 20.83
CA ARG A 50 -5.39 9.35 21.23
C ARG A 50 -6.36 9.03 20.16
N ASN A 51 -5.99 9.31 18.90
CA ASN A 51 -6.90 9.07 17.78
C ASN A 51 -6.17 8.32 16.71
N PRO A 52 -6.14 7.00 16.84
CA PRO A 52 -5.42 6.23 15.86
C PRO A 52 -6.10 6.12 14.49
N GLN A 53 -7.30 6.71 14.30
CA GLN A 53 -7.97 6.79 13.00
C GLN A 53 -7.48 7.96 12.14
N VAL A 54 -6.65 8.83 12.72
CA VAL A 54 -6.02 9.93 11.97
C VAL A 54 -4.54 9.55 11.89
N SER A 55 -4.08 9.11 10.75
CA SER A 55 -2.66 8.72 10.62
C SER A 55 -1.99 8.97 9.27
N SER A 56 -2.54 9.90 8.51
CA SER A 56 -2.03 10.27 7.20
C SER A 56 -0.56 10.63 7.14
N LEU A 57 -0.08 11.34 8.15
CA LEU A 57 1.28 11.81 8.17
C LEU A 57 2.23 10.78 8.78
N LEU A 58 1.71 9.59 9.13
CA LEU A 58 2.54 8.59 9.75
C LEU A 58 2.97 7.52 8.73
N PRO A 59 4.11 6.87 8.95
CA PRO A 59 4.65 5.95 7.97
C PRO A 59 3.86 4.68 7.79
N ARG A 60 3.74 4.21 6.56
CA ARG A 60 2.92 3.02 6.26
C ARG A 60 3.48 1.79 7.03
N GLY A 61 4.78 1.77 7.31
CA GLY A 61 5.37 0.65 8.03
C GLY A 61 5.13 0.56 9.55
N ALA A 62 4.67 1.62 10.15
CA ALA A 62 4.43 1.62 11.59
C ALA A 62 3.01 1.09 11.75
N GLU A 63 2.71 0.54 12.89
CA GLU A 63 1.33 0.22 13.26
C GLU A 63 0.86 1.36 14.15
N VAL A 64 -0.42 1.69 14.15
CA VAL A 64 -0.94 2.79 14.92
C VAL A 64 -2.18 2.31 15.69
N LEU A 65 -2.05 2.32 17.01
CA LEU A 65 -3.06 1.81 17.98
C LEU A 65 -3.33 2.80 19.11
N CYS A 66 -4.41 2.53 19.87
CA CYS A 66 -4.74 3.26 21.09
C CYS A 66 -3.61 3.00 22.07
N TYR A 67 -3.38 3.94 23.00
CA TYR A 67 -2.30 3.78 23.96
C TYR A 67 -2.31 2.47 24.69
N SER A 68 -3.47 2.03 25.16
CA SER A 68 -3.54 0.78 25.95
C SER A 68 -3.06 -0.42 25.15
N GLU A 69 -3.47 -0.50 23.90
CA GLU A 69 -3.02 -1.56 23.05
C GLU A 69 -1.56 -1.38 22.58
N ALA A 70 -1.13 -0.17 22.29
CA ALA A 70 0.28 0.01 21.93
C ALA A 70 1.25 -0.51 23.06
N ALA A 71 0.84 -0.29 24.31
CA ALA A 71 1.66 -0.56 25.48
C ALA A 71 1.95 -2.02 25.45
N SER A 72 0.94 -2.83 25.23
CA SER A 72 1.17 -4.25 25.34
C SER A 72 2.01 -4.81 24.19
N ARG A 73 2.34 -4.04 23.18
CA ARG A 73 3.04 -4.63 22.02
C ARG A 73 4.54 -4.58 22.14
N SER A 74 5.10 -3.92 23.15
CA SER A 74 6.55 -3.74 23.26
C SER A 74 7.04 -3.63 24.65
N ASP A 75 8.29 -3.98 24.85
CA ASP A 75 8.92 -3.76 26.10
C ASP A 75 9.56 -2.37 26.29
N VAL A 76 9.71 -1.60 25.22
CA VAL A 76 10.33 -0.26 25.24
C VAL A 76 9.35 0.76 24.65
N ILE A 77 9.02 1.76 25.44
CA ILE A 77 8.02 2.75 25.12
C ILE A 77 8.70 4.13 25.20
N VAL A 78 8.78 4.85 24.07
CA VAL A 78 9.26 6.23 24.02
C VAL A 78 8.06 7.14 24.25
N LEU A 79 8.18 8.02 25.24
CA LEU A 79 7.06 8.88 25.66
C LEU A 79 7.26 10.19 24.95
N ALA A 80 6.83 10.23 23.68
CA ALA A 80 6.95 11.41 22.83
C ALA A 80 5.78 12.37 23.12
N VAL A 81 5.60 12.67 24.39
CA VAL A 81 4.54 13.51 24.88
C VAL A 81 5.18 14.58 25.84
N HIS A 82 4.54 15.72 25.96
CA HIS A 82 5.10 16.80 26.89
C HIS A 82 4.64 16.49 28.25
N ARG A 83 5.44 16.87 29.22
CA ARG A 83 5.21 16.58 30.65
C ARG A 83 3.79 16.93 31.12
N GLU A 84 3.25 17.97 30.51
CA GLU A 84 1.93 18.51 30.78
C GLU A 84 0.83 17.53 30.51
N HIS A 85 1.01 16.60 29.61
CA HIS A 85 0.01 15.60 29.26
C HIS A 85 0.38 14.19 29.66
N TYR A 86 1.25 14.06 30.66
CA TYR A 86 1.61 12.75 31.18
C TYR A 86 0.47 12.07 31.90
N ASP A 87 -0.43 12.86 32.46
CA ASP A 87 -1.45 12.38 33.41
C ASP A 87 -2.18 11.09 33.00
N PHE A 88 -2.52 10.97 31.72
CA PHE A 88 -3.18 9.74 31.23
C PHE A 88 -2.43 8.45 31.57
N LEU A 89 -1.12 8.52 31.82
CA LEU A 89 -0.34 7.34 32.11
C LEU A 89 -0.80 6.68 33.45
N ALA A 90 -1.36 7.49 34.35
CA ALA A 90 -1.77 7.01 35.68
C ALA A 90 -2.78 5.86 35.58
N GLU A 91 -3.72 5.97 34.65
CA GLU A 91 -4.68 4.88 34.43
C GLU A 91 -4.11 3.66 33.65
N LEU A 92 -2.93 3.82 33.03
CA LEU A 92 -2.32 2.76 32.25
C LEU A 92 -1.28 2.04 33.04
N ALA A 93 -1.09 2.44 34.29
CA ALA A 93 0.20 2.19 34.95
C ALA A 93 0.21 0.69 35.19
N ASP A 94 -0.97 0.10 35.29
CA ASP A 94 -0.95 -1.35 35.33
C ASP A 94 -0.48 -2.10 34.12
N SER A 95 -0.88 -1.69 32.92
CA SER A 95 -0.31 -2.33 31.70
C SER A 95 1.09 -1.79 31.22
N LEU A 96 1.75 -0.96 32.02
CA LEU A 96 3.13 -0.50 31.75
C LEU A 96 4.12 -1.24 32.67
N LYS A 97 3.58 -2.17 33.47
CA LYS A 97 4.36 -2.85 34.48
C LYS A 97 5.47 -3.62 33.84
N GLY A 98 6.68 -3.35 34.29
CA GLY A 98 7.84 -4.08 33.84
C GLY A 98 8.37 -3.56 32.50
N ARG A 99 7.77 -2.51 31.93
CA ARG A 99 8.32 -1.99 30.69
C ARG A 99 9.33 -0.88 30.90
N VAL A 100 10.17 -0.70 29.89
CA VAL A 100 11.08 0.45 29.81
C VAL A 100 10.33 1.67 29.29
N LEU A 101 10.42 2.79 29.98
CA LEU A 101 9.75 4.02 29.54
C LEU A 101 10.76 5.13 29.38
N ILE A 102 10.98 5.58 28.14
CA ILE A 102 12.02 6.57 27.86
C ILE A 102 11.47 7.97 27.91
N ASP A 103 11.93 8.79 28.89
CA ASP A 103 11.55 10.14 28.99
C ASP A 103 12.48 11.05 28.15
N VAL A 104 11.90 11.70 27.15
CA VAL A 104 12.63 12.47 26.17
C VAL A 104 12.36 13.99 26.30
N SER A 105 11.71 14.38 27.40
CA SER A 105 11.07 15.63 27.55
C SER A 105 12.06 16.75 27.90
N ASN A 106 11.75 17.92 27.40
CA ASN A 106 12.31 19.20 27.92
C ASN A 106 11.20 20.11 28.41
N ASN A 107 11.59 21.06 29.21
CA ASN A 107 10.74 22.14 29.64
C ASN A 107 11.06 23.39 28.83
N GLN A 108 10.08 24.28 28.80
CA GLN A 108 10.18 25.53 28.05
C GLN A 108 11.11 26.51 28.78
N LYS A 109 11.26 26.38 30.09
CA LYS A 109 12.21 27.26 30.78
C LYS A 109 12.79 26.59 32.04
N MET A 110 13.94 27.11 32.48
CA MET A 110 14.72 26.61 33.64
C MET A 110 13.87 26.60 34.93
N ASN A 111 14.16 25.64 35.82
CA ASN A 111 13.38 25.48 37.08
C ASN A 111 11.85 25.62 36.92
N GLN A 112 11.26 25.17 35.82
CA GLN A 112 9.80 25.32 35.62
C GLN A 112 9.00 24.44 36.57
N TYR A 113 9.66 23.41 37.11
CA TYR A 113 9.06 22.44 38.01
C TYR A 113 10.12 22.01 39.02
N PRO A 114 9.71 21.76 40.25
CA PRO A 114 10.65 21.33 41.28
C PRO A 114 11.19 19.87 41.10
N GLU A 115 10.44 19.01 40.44
CA GLU A 115 10.92 17.65 40.21
C GLU A 115 11.29 17.55 38.75
N SER A 116 12.30 16.73 38.46
CA SER A 116 12.62 16.44 37.07
C SER A 116 11.42 15.73 36.41
N ASN A 117 11.19 15.95 35.13
CA ASN A 117 10.08 15.31 34.43
C ASN A 117 10.23 13.77 34.53
N ALA A 118 11.44 13.26 34.44
CA ALA A 118 11.66 11.86 34.45
C ALA A 118 11.37 11.28 35.80
N GLU A 119 11.61 12.04 36.87
CA GLU A 119 11.25 11.59 38.26
C GLU A 119 9.78 11.70 38.53
N TYR A 120 9.13 12.69 37.95
CA TYR A 120 7.69 12.78 37.99
C TYR A 120 7.03 11.58 37.28
N LEU A 121 7.46 11.28 36.06
CA LEU A 121 6.98 10.08 35.39
C LEU A 121 7.19 8.81 36.19
N ALA A 122 8.32 8.72 36.87
CA ALA A 122 8.68 7.51 37.62
C ALA A 122 7.71 7.27 38.73
N GLN A 123 7.13 8.33 39.28
CA GLN A 123 6.11 8.15 40.29
C GLN A 123 4.76 8.00 39.70
N LEU A 124 4.48 8.58 38.52
CA LEU A 124 3.16 8.35 37.84
C LEU A 124 3.04 6.88 37.47
N VAL A 125 4.16 6.26 37.20
CA VAL A 125 4.17 4.90 36.68
C VAL A 125 5.16 4.08 37.47
N PRO A 126 4.79 3.74 38.73
CA PRO A 126 5.81 3.20 39.67
C PRO A 126 6.32 1.85 39.30
N GLY A 127 5.61 1.12 38.43
CA GLY A 127 6.05 -0.20 38.01
C GLY A 127 6.89 -0.26 36.71
N ALA A 128 7.14 0.89 36.07
CA ALA A 128 7.95 0.95 34.86
C ALA A 128 9.37 1.36 35.23
N HIS A 129 10.32 0.95 34.42
CA HIS A 129 11.68 1.45 34.53
C HIS A 129 11.83 2.71 33.67
N VAL A 130 11.95 3.87 34.29
CA VAL A 130 12.17 5.11 33.58
C VAL A 130 13.66 5.30 33.25
N VAL A 131 13.93 5.67 32.03
CA VAL A 131 15.26 6.05 31.56
C VAL A 131 15.19 7.35 30.84
N LYS A 132 16.04 8.33 31.18
CA LYS A 132 16.04 9.62 30.52
C LYS A 132 16.93 9.49 29.33
N ALA A 133 16.48 9.90 28.17
CA ALA A 133 17.36 9.91 27.00
C ALA A 133 16.75 10.68 25.82
N PHE A 134 17.60 11.14 24.90
CA PHE A 134 17.19 11.73 23.62
C PHE A 134 16.67 13.19 23.67
N ASN A 135 16.65 13.83 24.86
CA ASN A 135 16.00 15.12 24.97
C ASN A 135 16.83 16.22 24.25
N THR A 136 18.10 15.95 24.03
CA THR A 136 18.94 16.92 23.35
C THR A 136 18.97 16.73 21.83
N ILE A 137 18.19 15.82 21.28
CA ILE A 137 18.09 15.66 19.81
C ILE A 137 16.88 16.44 19.29
N SER A 138 17.09 17.40 18.38
CA SER A 138 15.95 18.07 17.71
C SER A 138 15.14 17.13 16.78
N ALA A 139 13.82 17.32 16.74
CA ALA A 139 12.97 16.59 15.78
C ALA A 139 13.50 16.91 14.40
N TRP A 140 13.64 15.89 13.59
CA TRP A 140 14.13 15.98 12.23
C TRP A 140 15.66 16.01 12.07
N ALA A 141 16.43 16.25 13.16
CA ALA A 141 17.90 16.16 13.06
C ALA A 141 18.40 14.74 12.71
N LEU A 142 17.69 13.71 13.11
CA LEU A 142 18.02 12.36 12.72
C LEU A 142 17.86 12.11 11.24
N GLN A 143 17.00 12.85 10.57
CA GLN A 143 16.83 12.71 9.12
C GLN A 143 17.81 13.61 8.37
N SER A 144 18.08 14.80 8.89
CA SER A 144 18.90 15.77 8.14
C SER A 144 20.37 15.45 8.23
N GLY A 145 20.77 14.72 9.26
CA GLY A 145 22.18 14.44 9.52
C GLY A 145 22.91 15.74 9.91
N THR A 146 22.26 16.56 10.74
CA THR A 146 22.88 17.80 11.29
C THR A 146 22.41 18.05 12.76
N SER A 150 26.01 17.74 17.32
CA SER A 150 26.31 16.76 18.39
C SER A 150 25.55 15.43 18.30
N ARG A 151 26.32 14.33 18.31
CA ARG A 151 25.78 12.95 18.33
C ARG A 151 25.65 12.37 19.75
N GLN A 152 25.96 13.17 20.75
CA GLN A 152 25.90 12.71 22.15
C GLN A 152 24.49 12.66 22.74
N VAL A 153 24.29 11.67 23.58
CA VAL A 153 23.02 11.47 24.19
C VAL A 153 23.28 11.14 25.64
N PHE A 154 22.84 12.02 26.55
CA PHE A 154 22.94 11.74 27.98
C PHE A 154 21.81 10.79 28.42
N VAL A 155 22.21 9.71 29.07
CA VAL A 155 21.31 8.67 29.58
C VAL A 155 21.40 8.55 31.08
N CYS A 156 20.29 8.48 31.76
CA CYS A 156 20.34 8.12 33.17
C CYS A 156 19.12 7.29 33.56
N GLY A 157 19.21 6.69 34.74
CA GLY A 157 18.17 5.79 35.22
C GLY A 157 18.64 4.85 36.28
N ASN A 158 17.69 4.24 36.98
CA ASN A 158 18.02 3.53 38.20
C ASN A 158 18.24 2.04 37.98
N ASP A 159 18.00 1.60 36.74
CA ASP A 159 18.15 0.22 36.39
C ASP A 159 19.14 0.03 35.23
N SER A 160 20.23 -0.71 35.48
CA SER A 160 21.25 -0.86 34.42
C SER A 160 20.79 -1.66 33.21
N LYS A 161 20.02 -2.70 33.41
CA LYS A 161 19.45 -3.40 32.25
C LYS A 161 18.55 -2.53 31.33
N ALA A 162 17.70 -1.72 31.94
CA ALA A 162 16.89 -0.78 31.16
C ALA A 162 17.79 0.24 30.47
N LYS A 163 18.76 0.83 31.19
CA LYS A 163 19.65 1.82 30.57
C LYS A 163 20.46 1.25 29.44
N ASP A 164 21.01 0.06 29.62
CA ASP A 164 21.80 -0.55 28.56
C ASP A 164 20.94 -0.83 27.30
N ARG A 165 19.68 -1.14 27.48
CA ARG A 165 18.81 -1.33 26.37
C ARG A 165 18.54 -0.04 25.61
N VAL A 166 18.37 1.04 26.35
CA VAL A 166 18.20 2.35 25.72
C VAL A 166 19.50 2.77 25.02
N MET A 167 20.65 2.58 25.69
CA MET A 167 21.93 2.92 25.08
C MET A 167 22.16 2.17 23.79
N ASP A 168 21.81 0.88 23.74
CA ASP A 168 21.88 0.12 22.44
C ASP A 168 21.02 0.77 21.37
N ILE A 169 19.83 1.21 21.71
CA ILE A 169 19.00 1.88 20.74
C ILE A 169 19.73 3.11 20.25
N ALA A 170 20.35 3.86 21.17
CA ALA A 170 21.02 5.09 20.79
C ALA A 170 22.07 4.76 19.77
N ARG A 171 22.87 3.73 20.01
CA ARG A 171 23.94 3.40 19.10
C ARG A 171 23.43 2.93 17.76
N THR A 172 22.34 2.17 17.73
CA THR A 172 21.82 1.70 16.46
C THR A 172 21.33 2.89 15.60
N LEU A 173 20.91 3.95 16.26
CA LEU A 173 20.51 5.16 15.56
C LEU A 173 21.68 6.05 15.16
N GLY A 174 22.90 5.63 15.40
CA GLY A 174 24.10 6.48 15.03
C GLY A 174 24.54 7.47 16.09
N LEU A 175 24.03 7.32 17.29
CA LEU A 175 24.33 8.28 18.36
C LEU A 175 25.34 7.69 19.34
N THR A 176 25.92 8.56 20.16
CA THR A 176 26.91 8.17 21.15
C THR A 176 26.34 8.41 22.56
N PRO A 177 25.89 7.37 23.24
CA PRO A 177 25.28 7.53 24.53
C PRO A 177 26.31 7.58 25.67
N LEU A 178 25.99 8.35 26.70
CA LEU A 178 26.84 8.51 27.86
C LEU A 178 25.99 8.28 29.10
N ASP A 179 26.38 7.34 29.94
CA ASP A 179 25.65 6.98 31.13
C ASP A 179 25.99 7.97 32.19
N GLN A 180 25.06 8.86 32.51
CA GLN A 180 25.28 9.87 33.53
C GLN A 180 24.86 9.46 34.95
N GLY A 181 24.44 8.23 35.17
CA GLY A 181 24.11 7.78 36.53
C GLY A 181 22.62 7.44 36.69
N SER A 182 22.13 7.66 37.90
CA SER A 182 20.84 7.30 38.33
C SER A 182 19.83 8.37 37.85
N LEU A 183 18.57 8.14 38.17
CA LEU A 183 17.57 9.10 37.78
C LEU A 183 17.78 10.53 38.37
N VAL A 184 18.56 10.61 39.46
CA VAL A 184 18.85 11.90 40.06
C VAL A 184 19.58 12.83 39.09
N ALA A 185 20.33 12.26 38.15
CA ALA A 185 20.98 13.05 37.09
C ALA A 185 19.99 13.68 36.09
N ALA A 186 18.69 13.34 36.17
CA ALA A 186 17.72 13.79 35.15
C ALA A 186 17.54 15.32 35.08
N LYS A 187 17.52 15.97 36.23
CA LYS A 187 17.28 17.41 36.30
C LYS A 187 18.33 18.16 35.47
N GLU A 188 19.59 17.81 35.68
CA GLU A 188 20.65 18.43 34.91
C GLU A 188 20.59 18.13 33.39
N ILE A 189 20.15 16.94 33.02
CA ILE A 189 19.99 16.57 31.61
C ILE A 189 18.90 17.39 30.94
N GLU A 190 17.82 17.62 31.66
CA GLU A 190 16.69 18.43 31.17
C GLU A 190 17.01 19.90 31.06
N ASN A 191 17.86 20.40 31.95
CA ASN A 191 18.33 21.75 31.91
C ASN A 191 19.27 22.00 30.75
N TYR A 192 19.99 20.97 30.33
CA TYR A 192 21.06 21.14 29.34
C TYR A 192 20.70 21.91 28.02
N PRO A 193 19.61 21.54 27.34
CA PRO A 193 19.31 22.35 26.16
C PRO A 193 18.84 23.79 26.49
N LEU A 194 18.47 24.09 27.74
CA LEU A 194 18.01 25.44 28.08
C LEU A 194 19.18 26.41 28.29
N GLN A 195 20.41 25.89 28.41
CA GLN A 195 21.55 26.67 28.92
C GLN A 195 22.83 26.44 28.11
N GLN B 19 -6.73 21.55 -1.56
CA GLN B 19 -5.86 21.76 -2.75
C GLN B 19 -5.92 20.47 -3.61
N GLY B 20 -5.29 20.50 -4.78
CA GLY B 20 -5.39 19.40 -5.75
C GLY B 20 -4.39 18.29 -5.45
N VAL B 21 -3.98 17.59 -6.52
CA VAL B 21 -3.11 16.45 -6.43
C VAL B 21 -1.75 16.86 -6.98
N VAL B 22 -0.69 16.44 -6.31
CA VAL B 22 0.68 16.57 -6.81
C VAL B 22 1.32 15.22 -6.79
N CYS B 23 2.10 14.93 -7.82
CA CYS B 23 2.84 13.68 -7.97
C CYS B 23 4.33 13.97 -7.75
N ILE B 24 5.00 13.18 -6.92
CA ILE B 24 6.40 13.30 -6.67
C ILE B 24 7.07 12.05 -7.23
N PHE B 25 7.94 12.25 -8.21
CA PHE B 25 8.78 11.14 -8.72
C PHE B 25 9.99 10.93 -7.80
N GLY B 26 10.13 9.75 -7.21
CA GLY B 26 11.27 9.39 -6.42
C GLY B 26 10.88 9.41 -4.97
N THR B 27 11.48 8.52 -4.18
CA THR B 27 11.02 8.31 -2.80
C THR B 27 12.14 8.46 -1.77
N GLY B 28 13.14 9.28 -2.13
CA GLY B 28 14.32 9.48 -1.32
C GLY B 28 14.14 10.55 -0.28
N ASP B 29 15.23 11.15 0.19
CA ASP B 29 15.14 12.18 1.25
C ASP B 29 14.26 13.35 0.86
N PHE B 30 14.52 13.89 -0.34
CA PHE B 30 13.83 15.10 -0.79
C PHE B 30 12.35 14.79 -1.07
N GLY B 31 12.09 13.71 -1.82
CA GLY B 31 10.73 13.29 -2.09
C GLY B 31 9.93 13.07 -0.80
N LYS B 32 10.52 12.37 0.19
CA LYS B 32 9.78 12.09 1.47
C LYS B 32 9.46 13.38 2.19
N SER B 33 10.45 14.28 2.24
CA SER B 33 10.32 15.49 3.03
C SER B 33 9.27 16.41 2.43
N LEU B 34 9.35 16.59 1.11
CA LEU B 34 8.36 17.42 0.40
C LEU B 34 6.95 16.79 0.37
N GLY B 35 6.87 15.48 0.22
CA GLY B 35 5.63 14.76 0.26
C GLY B 35 4.93 15.00 1.59
N LEU B 36 5.63 14.80 2.68
CA LEU B 36 5.06 15.00 4.01
C LEU B 36 4.55 16.39 4.23
N LYS B 37 5.34 17.38 3.83
CA LYS B 37 4.94 18.78 3.95
C LYS B 37 3.72 19.09 3.08
N MET B 38 3.72 18.57 1.88
CA MET B 38 2.55 18.75 1.01
C MET B 38 1.26 18.11 1.59
N LEU B 39 1.37 16.92 2.19
CA LEU B 39 0.25 16.28 2.85
C LEU B 39 -0.22 17.15 4.00
N GLN B 40 0.73 17.70 4.73
CA GLN B 40 0.39 18.51 5.87
C GLN B 40 -0.32 19.81 5.46
N CYS B 41 -0.05 20.30 4.26
CA CYS B 41 -0.67 21.54 3.75
C CYS B 41 -1.94 21.32 2.95
N GLY B 42 -2.45 20.09 2.89
CA GLY B 42 -3.72 19.87 2.27
C GLY B 42 -3.71 19.39 0.84
N TYR B 43 -2.55 19.14 0.24
CA TYR B 43 -2.49 18.42 -1.05
C TYR B 43 -2.75 16.94 -0.92
N SER B 44 -3.34 16.30 -1.94
CA SER B 44 -3.19 14.85 -2.11
C SER B 44 -1.87 14.58 -2.75
N VAL B 45 -1.16 13.53 -2.37
CA VAL B 45 0.16 13.25 -2.94
C VAL B 45 0.16 11.88 -3.50
N VAL B 46 0.79 11.72 -4.66
CA VAL B 46 1.04 10.40 -5.25
C VAL B 46 2.52 10.32 -5.48
N PHE B 47 3.16 9.24 -5.04
CA PHE B 47 4.57 8.95 -5.36
C PHE B 47 4.69 8.05 -6.60
N GLY B 48 5.69 8.35 -7.43
CA GLY B 48 6.19 7.42 -8.44
C GLY B 48 7.50 6.83 -7.96
N SER B 49 7.61 5.52 -8.12
CA SER B 49 8.74 4.72 -7.61
C SER B 49 9.08 3.59 -8.58
N ARG B 50 10.35 3.22 -8.63
CA ARG B 50 10.71 1.96 -9.27
C ARG B 50 10.04 0.77 -8.61
N ASN B 51 9.83 0.83 -7.30
CA ASN B 51 9.31 -0.32 -6.55
C ASN B 51 8.22 0.14 -5.60
N PRO B 52 7.03 0.30 -6.13
CA PRO B 52 5.92 0.82 -5.34
C PRO B 52 5.45 -0.07 -4.23
N GLN B 53 5.80 -1.36 -4.26
CA GLN B 53 5.42 -2.25 -3.15
C GLN B 53 6.35 -2.13 -1.97
N VAL B 54 7.43 -1.36 -2.11
CA VAL B 54 8.35 -1.11 -1.02
C VAL B 54 8.13 0.31 -0.53
N SER B 55 7.23 0.45 0.44
CA SER B 55 6.83 1.79 0.85
C SER B 55 6.78 2.01 2.35
N SER B 56 7.46 1.19 3.14
CA SER B 56 7.39 1.26 4.63
C SER B 56 7.63 2.62 5.21
N LEU B 57 8.56 3.34 4.60
CA LEU B 57 8.96 4.66 5.13
C LEU B 57 8.15 5.82 4.53
N LEU B 58 7.17 5.53 3.68
CA LEU B 58 6.39 6.58 3.03
C LEU B 58 5.11 6.85 3.84
N PRO B 59 4.60 8.07 3.81
CA PRO B 59 3.41 8.40 4.60
C PRO B 59 2.13 7.76 4.07
N ARG B 60 1.26 7.34 4.98
CA ARG B 60 0.06 6.60 4.65
C ARG B 60 -0.87 7.40 3.75
N GLY B 61 -0.93 8.70 3.94
CA GLY B 61 -1.77 9.52 3.09
C GLY B 61 -1.41 9.61 1.62
N ALA B 62 -0.30 9.04 1.18
CA ALA B 62 0.14 9.16 -0.22
C ALA B 62 0.05 7.84 -0.89
N GLU B 63 -0.54 7.79 -2.06
CA GLU B 63 -0.53 6.56 -2.85
C GLU B 63 0.87 6.38 -3.47
N VAL B 64 1.32 5.15 -3.65
CA VAL B 64 2.61 4.87 -4.26
C VAL B 64 2.34 3.96 -5.45
N LEU B 65 2.89 4.34 -6.60
CA LEU B 65 2.59 3.77 -7.88
C LEU B 65 3.85 3.72 -8.76
N CYS B 66 3.81 2.92 -9.82
CA CYS B 66 4.84 2.99 -10.90
C CYS B 66 4.93 4.42 -11.46
N TYR B 67 6.06 4.83 -11.96
CA TYR B 67 6.19 6.19 -12.57
C TYR B 67 5.15 6.48 -13.63
N SER B 68 4.91 5.52 -14.53
CA SER B 68 4.00 5.75 -15.63
C SER B 68 2.60 5.92 -15.18
N GLU B 69 2.21 5.22 -14.12
CA GLU B 69 0.86 5.39 -13.60
C GLU B 69 0.75 6.63 -12.70
N ALA B 70 1.76 6.88 -11.87
CA ALA B 70 1.76 8.11 -11.03
C ALA B 70 1.56 9.33 -11.90
N ALA B 71 2.13 9.30 -13.07
CA ALA B 71 2.11 10.48 -13.93
C ALA B 71 0.67 10.80 -14.36
N SER B 72 -0.18 9.78 -14.44
CA SER B 72 -1.53 9.96 -14.99
C SER B 72 -2.39 10.69 -13.93
N ARG B 73 -1.86 10.84 -12.71
CA ARG B 73 -2.65 11.27 -11.60
C ARG B 73 -2.72 12.74 -11.34
N SER B 74 -1.85 13.52 -11.99
CA SER B 74 -1.73 14.91 -11.71
C SER B 74 -1.11 15.61 -12.89
N ASP B 75 -1.30 16.89 -13.02
CA ASP B 75 -0.59 17.58 -14.06
C ASP B 75 0.61 18.35 -13.53
N VAL B 76 0.97 18.09 -12.29
CA VAL B 76 2.18 18.60 -11.68
C VAL B 76 3.00 17.46 -11.08
N ILE B 77 4.21 17.26 -11.61
CA ILE B 77 5.12 16.24 -11.17
C ILE B 77 6.42 16.87 -10.69
N VAL B 78 6.81 16.62 -9.43
CA VAL B 78 8.09 17.05 -8.90
C VAL B 78 9.12 15.89 -9.13
N LEU B 79 10.21 16.18 -9.84
CA LEU B 79 11.23 15.20 -10.17
C LEU B 79 12.29 15.12 -9.07
N ALA B 80 11.95 14.43 -7.97
CA ALA B 80 12.87 14.21 -6.84
C ALA B 80 13.82 13.03 -7.08
N VAL B 81 14.56 13.17 -8.18
CA VAL B 81 15.52 12.23 -8.71
C VAL B 81 16.79 13.06 -9.12
N HIS B 82 18.00 12.48 -8.97
CA HIS B 82 19.26 13.11 -9.47
C HIS B 82 19.33 13.08 -10.94
N ARG B 83 19.94 14.11 -11.51
CA ARG B 83 20.05 14.21 -12.95
C ARG B 83 20.66 12.94 -13.54
N GLU B 84 21.62 12.32 -12.84
CA GLU B 84 22.27 11.12 -13.34
C GLU B 84 21.25 9.99 -13.63
N HIS B 85 20.06 10.03 -13.05
CA HIS B 85 19.07 8.98 -13.31
C HIS B 85 17.78 9.46 -14.00
N TYR B 86 17.86 10.56 -14.75
CA TYR B 86 16.76 11.05 -15.56
C TYR B 86 16.45 10.19 -16.75
N ASP B 87 17.36 9.29 -17.12
CA ASP B 87 17.29 8.52 -18.38
C ASP B 87 15.95 7.82 -18.61
N PHE B 88 15.40 7.21 -17.56
CA PHE B 88 14.16 6.48 -17.68
C PHE B 88 13.01 7.36 -18.14
N LEU B 89 13.11 8.68 -17.96
CA LEU B 89 12.07 9.59 -18.48
C LEU B 89 11.93 9.58 -20.03
N ALA B 90 12.95 9.22 -20.79
CA ALA B 90 12.83 9.15 -22.27
C ALA B 90 11.67 8.22 -22.68
N GLU B 91 11.60 7.07 -22.01
CA GLU B 91 10.61 6.05 -22.31
C GLU B 91 9.19 6.42 -21.84
N LEU B 92 9.06 7.44 -20.98
CA LEU B 92 7.80 7.94 -20.44
C LEU B 92 7.31 9.20 -21.14
N ALA B 93 8.13 9.74 -22.03
CA ALA B 93 7.91 11.07 -22.60
C ALA B 93 6.46 11.36 -23.03
N ASP B 94 5.78 10.37 -23.58
CA ASP B 94 4.41 10.57 -24.02
C ASP B 94 3.41 10.58 -22.86
N SER B 95 3.68 9.85 -21.80
CA SER B 95 2.78 9.94 -20.67
C SER B 95 2.95 11.28 -19.89
N LEU B 96 3.86 12.15 -20.32
CA LEU B 96 4.20 13.36 -19.56
C LEU B 96 3.88 14.62 -20.37
N LYS B 97 3.33 14.39 -21.57
CA LYS B 97 2.94 15.47 -22.45
C LYS B 97 1.99 16.41 -21.72
N GLY B 98 2.33 17.70 -21.72
CA GLY B 98 1.43 18.67 -21.15
C GLY B 98 1.52 18.85 -19.65
N ARG B 99 2.25 17.97 -18.95
CA ARG B 99 2.35 18.11 -17.52
C ARG B 99 3.45 19.07 -17.16
N VAL B 100 3.31 19.66 -15.96
CA VAL B 100 4.35 20.49 -15.44
C VAL B 100 5.35 19.55 -14.75
N LEU B 101 6.62 19.71 -15.07
CA LEU B 101 7.65 18.92 -14.52
C LEU B 101 8.63 19.84 -13.79
N ILE B 102 8.73 19.69 -12.47
CA ILE B 102 9.53 20.59 -11.68
C ILE B 102 10.88 19.98 -11.43
N ASP B 103 11.94 20.63 -11.93
CA ASP B 103 13.29 20.21 -11.73
C ASP B 103 13.83 20.83 -10.46
N VAL B 104 14.11 19.96 -9.50
CA VAL B 104 14.59 20.38 -8.22
C VAL B 104 16.11 20.13 -7.98
N SER B 105 16.84 19.75 -9.04
CA SER B 105 18.12 19.12 -8.91
C SER B 105 19.26 20.10 -8.66
N ASN B 106 20.28 19.58 -7.98
CA ASN B 106 21.59 20.18 -7.91
C ASN B 106 22.61 19.20 -8.40
N ASN B 107 23.77 19.71 -8.77
CA ASN B 107 24.86 18.84 -9.14
C ASN B 107 25.79 18.70 -7.99
N GLN B 108 26.70 17.73 -8.07
CA GLN B 108 27.68 17.49 -6.98
C GLN B 108 28.84 18.52 -7.02
N LYS B 109 29.11 19.15 -8.16
CA LYS B 109 30.16 20.18 -8.27
C LYS B 109 29.80 21.15 -9.39
N MET B 110 30.46 22.30 -9.40
CA MET B 110 30.33 23.33 -10.46
C MET B 110 30.72 22.80 -11.84
N ASN B 111 30.14 23.34 -12.89
CA ASN B 111 30.44 22.92 -14.26
C ASN B 111 30.42 21.40 -14.51
N GLN B 112 29.54 20.67 -13.86
CA GLN B 112 29.56 19.24 -14.00
C GLN B 112 29.02 18.88 -15.34
N TYR B 113 28.06 19.67 -15.84
CA TYR B 113 27.46 19.46 -17.14
C TYR B 113 27.43 20.80 -17.80
N PRO B 114 27.58 20.87 -19.13
CA PRO B 114 27.62 22.14 -19.88
C PRO B 114 26.23 22.83 -20.03
N GLU B 115 25.16 22.07 -19.93
CA GLU B 115 23.80 22.64 -19.94
C GLU B 115 23.16 22.47 -18.58
N SER B 116 22.17 23.29 -18.27
CA SER B 116 21.53 23.10 -16.99
C SER B 116 20.76 21.75 -16.94
N ASN B 117 20.52 21.26 -15.73
CA ASN B 117 19.78 20.05 -15.55
C ASN B 117 18.37 20.26 -16.12
N ALA B 118 17.76 21.39 -15.79
CA ALA B 118 16.45 21.66 -16.27
C ALA B 118 16.43 21.62 -17.82
N GLU B 119 17.47 22.17 -18.47
CA GLU B 119 17.46 22.22 -19.97
C GLU B 119 17.54 20.78 -20.53
N TYR B 120 18.40 19.97 -19.92
CA TYR B 120 18.51 18.55 -20.25
C TYR B 120 17.15 17.89 -20.11
N LEU B 121 16.48 18.13 -19.01
CA LEU B 121 15.16 17.57 -18.80
C LEU B 121 14.21 17.96 -19.90
N ALA B 122 14.32 19.21 -20.38
CA ALA B 122 13.38 19.71 -21.42
C ALA B 122 13.53 18.91 -22.75
N GLN B 123 14.74 18.45 -23.02
CA GLN B 123 15.02 17.67 -24.22
C GLN B 123 14.56 16.23 -24.03
N LEU B 124 14.69 15.68 -22.82
CA LEU B 124 14.25 14.33 -22.55
C LEU B 124 12.76 14.24 -22.63
N VAL B 125 12.11 15.34 -22.26
CA VAL B 125 10.69 15.29 -22.24
C VAL B 125 10.11 16.49 -22.95
N PRO B 126 10.14 16.49 -24.30
CA PRO B 126 9.88 17.75 -25.04
C PRO B 126 8.44 18.28 -24.96
N GLY B 127 7.49 17.41 -24.62
CA GLY B 127 6.11 17.81 -24.50
C GLY B 127 5.69 18.26 -23.11
N ALA B 128 6.60 18.21 -22.14
CA ALA B 128 6.26 18.66 -20.78
C ALA B 128 6.68 20.14 -20.66
N HIS B 129 6.11 20.84 -19.70
CA HIS B 129 6.57 22.20 -19.33
C HIS B 129 7.51 22.17 -18.16
N VAL B 130 8.79 22.41 -18.41
CA VAL B 130 9.73 22.33 -17.33
C VAL B 130 9.81 23.63 -16.55
N VAL B 131 9.75 23.54 -15.24
CA VAL B 131 9.96 24.69 -14.34
C VAL B 131 11.06 24.37 -13.35
N LYS B 132 12.05 25.24 -13.18
CA LYS B 132 13.05 25.05 -12.13
C LYS B 132 12.56 25.64 -10.87
N ALA B 133 12.61 24.89 -9.77
CA ALA B 133 12.23 25.42 -8.44
C ALA B 133 12.65 24.50 -7.31
N PHE B 134 12.86 25.05 -6.11
CA PHE B 134 13.00 24.25 -4.86
C PHE B 134 14.38 23.63 -4.62
N ASN B 135 15.33 23.85 -5.52
CA ASN B 135 16.65 23.24 -5.38
C ASN B 135 17.47 23.85 -4.23
N THR B 136 17.08 25.03 -3.74
CA THR B 136 17.83 25.63 -2.60
C THR B 136 17.24 25.26 -1.23
N ILE B 137 16.19 24.44 -1.21
CA ILE B 137 15.61 23.91 0.03
C ILE B 137 16.24 22.59 0.42
N SER B 138 16.89 22.54 1.59
CA SER B 138 17.36 21.26 2.11
C SER B 138 16.23 20.31 2.49
N ALA B 139 16.40 19.01 2.20
CA ALA B 139 15.46 17.95 2.66
C ALA B 139 15.36 18.07 4.18
N TRP B 140 14.14 18.04 4.68
CA TRP B 140 13.83 18.14 6.10
C TRP B 140 13.82 19.57 6.67
N ALA B 141 14.25 20.59 5.92
CA ALA B 141 14.10 21.99 6.40
C ALA B 141 12.64 22.41 6.44
N LEU B 142 11.83 21.87 5.56
CA LEU B 142 10.43 22.15 5.61
C LEU B 142 9.77 21.61 6.89
N GLN B 143 10.29 20.53 7.46
CA GLN B 143 9.72 20.01 8.72
C GLN B 143 10.29 20.77 9.91
N SER B 144 11.57 21.12 9.85
CA SER B 144 12.25 21.66 11.05
C SER B 144 11.99 23.13 11.27
N GLY B 145 11.51 23.82 10.22
CA GLY B 145 11.27 25.28 10.25
C GLY B 145 12.55 26.11 10.39
N THR B 146 13.64 25.61 9.76
CA THR B 146 14.97 26.29 9.78
C THR B 146 15.62 26.31 8.38
N SER B 150 16.51 30.86 5.02
CA SER B 150 15.92 31.46 3.80
C SER B 150 14.62 30.77 3.29
N ARG B 151 13.56 31.57 3.19
CA ARG B 151 12.26 31.11 2.63
C ARG B 151 12.11 31.37 1.13
N GLN B 152 13.15 31.93 0.52
CA GLN B 152 13.11 32.26 -0.90
C GLN B 152 13.34 31.06 -1.79
N VAL B 153 12.62 31.07 -2.91
CA VAL B 153 12.69 30.00 -3.88
C VAL B 153 12.83 30.65 -5.25
N PHE B 154 13.92 30.41 -5.95
CA PHE B 154 14.05 30.91 -7.31
C PHE B 154 13.28 30.00 -8.25
N VAL B 155 12.43 30.58 -9.09
CA VAL B 155 11.62 29.85 -10.06
C VAL B 155 11.91 30.37 -11.46
N CYS B 156 12.09 29.50 -12.45
CA CYS B 156 12.17 29.94 -13.85
C CYS B 156 11.56 28.89 -14.74
N GLY B 157 11.32 29.25 -15.97
CA GLY B 157 10.65 28.40 -16.93
C GLY B 157 10.01 29.25 -18.04
N ASN B 158 9.76 28.59 -19.17
CA ASN B 158 9.32 29.25 -20.39
C ASN B 158 7.84 29.42 -20.42
N ASP B 159 7.11 28.70 -19.60
CA ASP B 159 5.63 28.81 -19.66
C ASP B 159 5.06 29.44 -18.42
N SER B 160 4.45 30.64 -18.53
CA SER B 160 4.02 31.38 -17.35
C SER B 160 2.92 30.64 -16.62
N LYS B 161 2.01 29.99 -17.32
CA LYS B 161 0.98 29.24 -16.61
C LYS B 161 1.55 28.12 -15.76
N ALA B 162 2.47 27.35 -16.31
CA ALA B 162 3.18 26.37 -15.51
C ALA B 162 3.97 27.04 -14.33
N LYS B 163 4.69 28.15 -14.57
CA LYS B 163 5.41 28.81 -13.48
C LYS B 163 4.47 29.29 -12.40
N ASP B 164 3.38 29.95 -12.77
CA ASP B 164 2.45 30.49 -11.78
C ASP B 164 1.86 29.39 -10.90
N ARG B 165 1.61 28.21 -11.47
CA ARG B 165 1.16 27.07 -10.67
C ARG B 165 2.23 26.61 -9.65
N VAL B 166 3.51 26.57 -10.06
CA VAL B 166 4.59 26.20 -9.17
C VAL B 166 4.76 27.26 -8.05
N MET B 167 4.71 28.54 -8.42
CA MET B 167 4.79 29.58 -7.44
C MET B 167 3.63 29.53 -6.43
N ASP B 168 2.45 29.16 -6.84
CA ASP B 168 1.36 28.95 -5.89
C ASP B 168 1.58 27.79 -4.93
N ILE B 169 2.20 26.74 -5.42
CA ILE B 169 2.63 25.68 -4.55
C ILE B 169 3.64 26.22 -3.55
N ALA B 170 4.61 27.01 -4.02
CA ALA B 170 5.63 27.54 -3.14
C ALA B 170 4.92 28.32 -2.02
N ARG B 171 4.03 29.21 -2.37
CA ARG B 171 3.37 29.98 -1.37
C ARG B 171 2.57 29.13 -0.36
N THR B 172 1.89 28.08 -0.84
CA THR B 172 1.11 27.27 0.07
C THR B 172 1.99 26.52 1.08
N LEU B 173 3.24 26.26 0.71
CA LEU B 173 4.22 25.63 1.56
C LEU B 173 4.91 26.61 2.52
N GLY B 174 4.55 27.90 2.47
CA GLY B 174 5.15 28.90 3.37
C GLY B 174 6.36 29.58 2.81
N LEU B 175 6.59 29.44 1.50
CA LEU B 175 7.82 29.92 0.87
C LEU B 175 7.50 31.18 0.07
N THR B 176 8.57 31.89 -0.29
CA THR B 176 8.47 33.15 -1.06
C THR B 176 9.13 32.96 -2.41
N PRO B 177 8.35 32.68 -3.44
CA PRO B 177 8.93 32.46 -4.73
C PRO B 177 9.28 33.75 -5.51
N LEU B 178 10.35 33.66 -6.28
CA LEU B 178 10.80 34.78 -7.12
C LEU B 178 10.96 34.31 -8.53
N ASP B 179 10.27 34.93 -9.48
CA ASP B 179 10.31 34.54 -10.89
C ASP B 179 11.54 35.09 -11.50
N GLN B 180 12.49 34.21 -11.88
CA GLN B 180 13.75 34.66 -12.45
C GLN B 180 13.73 34.69 -13.97
N GLY B 181 12.62 34.41 -14.61
CA GLY B 181 12.60 34.52 -16.07
C GLY B 181 12.42 33.18 -16.70
N SER B 182 13.02 33.03 -17.87
CA SER B 182 12.82 31.89 -18.75
C SER B 182 13.75 30.76 -18.29
N LEU B 183 13.68 29.60 -18.95
CA LEU B 183 14.52 28.44 -18.56
C LEU B 183 16.02 28.74 -18.55
N VAL B 184 16.43 29.74 -19.35
CA VAL B 184 17.84 30.13 -19.44
C VAL B 184 18.38 30.52 -18.06
N ALA B 185 17.52 31.05 -17.18
CA ALA B 185 17.95 31.32 -15.79
C ALA B 185 18.36 30.07 -14.96
N ALA B 186 18.07 28.86 -15.46
CA ALA B 186 18.23 27.63 -14.66
C ALA B 186 19.69 27.35 -14.23
N LYS B 187 20.63 27.59 -15.13
CA LYS B 187 22.06 27.35 -14.85
C LYS B 187 22.48 28.09 -13.58
N GLU B 188 22.15 29.37 -13.50
CA GLU B 188 22.53 30.18 -12.32
C GLU B 188 21.82 29.74 -10.99
N ILE B 189 20.59 29.29 -11.11
CA ILE B 189 19.82 28.79 -9.98
C ILE B 189 20.45 27.50 -9.45
N GLU B 190 20.91 26.66 -10.38
CA GLU B 190 21.58 25.40 -10.02
C GLU B 190 22.92 25.65 -9.39
N ASN B 191 23.64 26.65 -9.87
CA ASN B 191 24.95 27.06 -9.31
C ASN B 191 24.80 27.61 -7.89
N TYR B 192 23.68 28.26 -7.62
CA TYR B 192 23.50 29.01 -6.37
C TYR B 192 23.90 28.24 -5.08
N PRO B 193 23.34 27.03 -4.83
CA PRO B 193 23.80 26.36 -3.60
C PRO B 193 25.26 25.88 -3.62
N LEU B 194 25.92 25.90 -4.78
CA LEU B 194 27.32 25.52 -4.80
C LEU B 194 28.25 26.69 -4.47
N GLN B 195 27.74 27.92 -4.31
CA GLN B 195 28.61 29.12 -4.25
C GLN B 195 28.16 30.13 -3.19
N GLN C 19 10.04 -14.32 -14.32
CA GLN C 19 9.46 -14.19 -15.70
C GLN C 19 9.32 -12.71 -16.14
N GLY C 20 8.96 -12.47 -17.40
CA GLY C 20 8.95 -11.11 -17.97
C GLY C 20 7.64 -10.37 -17.65
N VAL C 21 7.33 -9.42 -18.53
CA VAL C 21 6.20 -8.56 -18.43
C VAL C 21 5.15 -9.05 -19.40
N VAL C 22 3.89 -9.12 -18.97
CA VAL C 22 2.73 -9.34 -19.85
C VAL C 22 1.76 -8.19 -19.68
N CYS C 23 1.21 -7.77 -20.81
CA CYS C 23 0.19 -6.76 -20.85
C CYS C 23 -1.20 -7.39 -21.08
N ILE C 24 -2.20 -6.99 -20.30
CA ILE C 24 -3.59 -7.42 -20.46
C ILE C 24 -4.42 -6.18 -20.84
N PHE C 25 -5.00 -6.19 -22.06
CA PHE C 25 -5.96 -5.18 -22.49
C PHE C 25 -7.31 -5.60 -21.92
N GLY C 26 -7.87 -4.73 -21.05
CA GLY C 26 -9.18 -4.94 -20.55
C GLY C 26 -9.13 -5.44 -19.13
N THR C 27 -10.10 -5.00 -18.32
CA THR C 27 -10.04 -5.14 -16.87
C THR C 27 -11.30 -5.83 -16.32
N GLY C 28 -11.96 -6.61 -17.17
CA GLY C 28 -13.20 -7.28 -16.79
C GLY C 28 -12.95 -8.60 -16.07
N ASP C 29 -13.87 -9.56 -16.19
CA ASP C 29 -13.77 -10.81 -15.44
C ASP C 29 -12.56 -11.62 -15.87
N PHE C 30 -12.36 -11.77 -17.18
CA PHE C 30 -11.24 -12.56 -17.70
C PHE C 30 -9.87 -11.90 -17.40
N GLY C 31 -9.75 -10.64 -17.77
CA GLY C 31 -8.55 -9.87 -17.49
C GLY C 31 -8.16 -9.90 -16.02
N LYS C 32 -9.09 -9.67 -15.11
CA LYS C 32 -8.76 -9.72 -13.66
C LYS C 32 -8.26 -11.12 -13.24
N SER C 33 -9.00 -12.14 -13.70
CA SER C 33 -8.69 -13.47 -13.28
C SER C 33 -7.32 -13.94 -13.80
N LEU C 34 -7.06 -13.68 -15.07
CA LEU C 34 -5.73 -14.01 -15.65
C LEU C 34 -4.63 -13.16 -15.05
N GLY C 35 -4.89 -11.88 -14.83
CA GLY C 35 -3.89 -10.98 -14.26
C GLY C 35 -3.43 -11.44 -12.87
N LEU C 36 -4.40 -11.72 -12.01
CA LEU C 36 -4.11 -12.23 -10.70
C LEU C 36 -3.27 -13.52 -10.78
N LYS C 37 -3.67 -14.47 -11.61
CA LYS C 37 -2.93 -15.73 -11.75
C LYS C 37 -1.52 -15.52 -12.26
N MET C 38 -1.39 -14.67 -13.26
CA MET C 38 -0.08 -14.30 -13.78
C MET C 38 0.81 -13.61 -12.72
N LEU C 39 0.24 -12.75 -11.90
CA LEU C 39 1.02 -12.15 -10.79
C LEU C 39 1.50 -13.22 -9.83
N GLN C 40 0.62 -14.18 -9.55
CA GLN C 40 0.90 -15.23 -8.64
C GLN C 40 1.97 -16.15 -9.18
N CYS C 41 2.07 -16.28 -10.50
CA CYS C 41 3.10 -17.15 -11.13
C CYS C 41 4.41 -16.41 -11.42
N GLY C 42 4.54 -15.14 -11.01
CA GLY C 42 5.82 -14.43 -11.14
C GLY C 42 5.95 -13.44 -12.31
N TYR C 43 4.93 -13.29 -13.13
CA TYR C 43 4.97 -12.26 -14.16
C TYR C 43 4.77 -10.87 -13.55
N SER C 44 5.33 -9.86 -14.18
CA SER C 44 4.82 -8.49 -13.96
C SER C 44 3.67 -8.31 -14.92
N VAL C 45 2.65 -7.57 -14.49
CA VAL C 45 1.43 -7.43 -15.30
C VAL C 45 1.13 -5.97 -15.41
N VAL C 46 0.86 -5.53 -16.63
CA VAL C 46 0.41 -4.19 -16.92
C VAL C 46 -0.99 -4.33 -17.55
N PHE C 47 -1.99 -3.62 -17.01
CA PHE C 47 -3.33 -3.52 -17.63
C PHE C 47 -3.44 -2.27 -18.52
N GLY C 48 -4.07 -2.48 -19.67
CA GLY C 48 -4.60 -1.38 -20.46
C GLY C 48 -6.10 -1.26 -20.19
N SER C 49 -6.57 -0.03 -20.08
CA SER C 49 -7.95 0.27 -19.73
C SER C 49 -8.37 1.59 -20.36
N ARG C 50 -9.66 1.72 -20.63
CA ARG C 50 -10.27 2.98 -21.01
C ARG C 50 -10.19 4.04 -19.92
N ASN C 51 -10.34 3.61 -18.67
CA ASN C 51 -10.25 4.53 -17.54
C ASN C 51 -9.34 4.00 -16.44
N PRO C 52 -8.05 4.28 -16.53
CA PRO C 52 -7.12 3.72 -15.59
C PRO C 52 -7.19 4.38 -14.21
N GLN C 53 -7.99 5.43 -14.02
CA GLN C 53 -8.19 6.05 -12.70
C GLN C 53 -9.24 5.30 -11.85
N VAL C 54 -9.87 4.30 -12.44
CA VAL C 54 -10.77 3.41 -11.70
C VAL C 54 -10.07 2.08 -11.69
N SER C 55 -9.49 1.69 -10.56
CA SER C 55 -8.82 0.42 -10.47
C SER C 55 -8.94 -0.28 -9.11
N SER C 56 -9.96 0.07 -8.34
CA SER C 56 -10.19 -0.52 -7.03
C SER C 56 -10.18 -2.06 -6.98
N LEU C 57 -10.74 -2.69 -8.01
CA LEU C 57 -10.87 -4.16 -8.02
C LEU C 57 -9.66 -4.85 -8.65
N LEU C 58 -8.66 -4.07 -9.07
CA LEU C 58 -7.47 -4.63 -9.70
C LEU C 58 -6.34 -4.84 -8.67
N PRO C 59 -5.47 -5.80 -8.87
CA PRO C 59 -4.40 -6.06 -7.92
C PRO C 59 -3.38 -4.94 -7.75
N ARG C 60 -2.93 -4.73 -6.52
CA ARG C 60 -1.92 -3.73 -6.22
C ARG C 60 -0.61 -3.95 -6.99
N GLY C 61 -0.25 -5.19 -7.28
CA GLY C 61 0.99 -5.50 -7.95
C GLY C 61 0.99 -5.22 -9.46
N ALA C 62 -0.17 -4.97 -10.05
CA ALA C 62 -0.28 -4.68 -11.50
C ALA C 62 -0.14 -3.21 -11.72
N GLU C 63 0.34 -2.83 -12.85
CA GLU C 63 0.34 -1.42 -13.21
C GLU C 63 -0.89 -1.25 -14.12
N VAL C 64 -1.56 -0.10 -14.03
CA VAL C 64 -2.72 0.18 -14.81
C VAL C 64 -2.54 1.48 -15.61
N LEU C 65 -2.52 1.34 -16.93
CA LEU C 65 -2.32 2.44 -17.85
C LEU C 65 -3.39 2.54 -18.98
N CYS C 66 -3.40 3.68 -19.68
CA CYS C 66 -4.22 3.81 -20.89
C CYS C 66 -3.73 2.79 -21.93
N TYR C 67 -4.59 2.40 -22.86
CA TYR C 67 -4.20 1.37 -23.83
C TYR C 67 -2.90 1.69 -24.60
N SER C 68 -2.74 2.95 -25.04
CA SER C 68 -1.59 3.36 -25.87
C SER C 68 -0.30 3.24 -25.11
N GLU C 69 -0.30 3.61 -23.84
CA GLU C 69 0.87 3.40 -23.03
C GLU C 69 1.08 1.93 -22.64
N ALA C 70 0.02 1.14 -22.39
CA ALA C 70 0.16 -0.27 -22.01
C ALA C 70 0.79 -1.10 -23.14
N ALA C 71 0.46 -0.75 -24.38
CA ALA C 71 0.95 -1.40 -25.58
C ALA C 71 2.46 -1.34 -25.63
N SER C 72 3.05 -0.21 -25.30
CA SER C 72 4.49 -0.12 -25.40
C SER C 72 5.23 -0.87 -24.27
N ARG C 73 4.56 -1.33 -23.23
CA ARG C 73 5.30 -1.90 -22.11
C ARG C 73 5.56 -3.39 -22.24
N SER C 74 4.97 -4.08 -23.21
CA SER C 74 5.24 -5.48 -23.39
C SER C 74 5.30 -5.93 -24.82
N ASP C 75 5.95 -7.08 -25.03
CA ASP C 75 5.83 -7.78 -26.28
C ASP C 75 4.62 -8.75 -26.44
N VAL C 76 3.94 -9.10 -25.36
CA VAL C 76 2.76 -9.96 -25.38
C VAL C 76 1.57 -9.23 -24.76
N ILE C 77 0.46 -9.16 -25.51
CA ILE C 77 -0.75 -8.45 -25.11
C ILE C 77 -1.89 -9.44 -25.21
N VAL C 78 -2.54 -9.68 -24.06
CA VAL C 78 -3.77 -10.50 -24.02
C VAL C 78 -4.93 -9.54 -24.25
N LEU C 79 -5.74 -9.80 -25.28
CA LEU C 79 -6.86 -8.98 -25.63
C LEU C 79 -8.06 -9.50 -24.88
N ALA C 80 -8.16 -9.11 -23.61
CA ALA C 80 -9.27 -9.48 -22.73
C ALA C 80 -10.44 -8.52 -22.94
N VAL C 81 -10.80 -8.35 -24.21
CA VAL C 81 -11.90 -7.51 -24.68
C VAL C 81 -12.81 -8.40 -25.55
N HIS C 82 -14.12 -8.06 -25.61
CA HIS C 82 -15.07 -8.77 -26.57
C HIS C 82 -14.83 -8.28 -28.02
N ARG C 83 -15.08 -9.16 -28.99
CA ARG C 83 -14.89 -8.85 -30.41
C ARG C 83 -15.55 -7.54 -30.80
N GLU C 84 -16.72 -7.31 -30.23
CA GLU C 84 -17.53 -6.15 -30.48
C GLU C 84 -16.82 -4.84 -30.17
N HIS C 85 -15.83 -4.88 -29.28
CA HIS C 85 -15.13 -3.63 -28.93
C HIS C 85 -13.70 -3.66 -29.39
N TYR C 86 -13.37 -4.51 -30.36
CA TYR C 86 -12.05 -4.52 -30.93
C TYR C 86 -11.68 -3.22 -31.63
N ASP C 87 -12.69 -2.45 -32.04
CA ASP C 87 -12.54 -1.35 -33.00
C ASP C 87 -11.43 -0.32 -32.63
N PHE C 88 -11.31 0.02 -31.35
CA PHE C 88 -10.25 0.97 -30.92
C PHE C 88 -8.84 0.50 -31.30
N LEU C 89 -8.65 -0.78 -31.62
CA LEU C 89 -7.31 -1.27 -31.95
C LEU C 89 -6.75 -0.68 -33.27
N ALA C 90 -7.65 -0.30 -34.18
CA ALA C 90 -7.27 0.26 -35.50
C ALA C 90 -6.35 1.46 -35.34
N GLU C 91 -6.72 2.39 -34.47
CA GLU C 91 -5.89 3.59 -34.20
C GLU C 91 -4.56 3.24 -33.51
N LEU C 92 -4.50 2.07 -32.86
CA LEU C 92 -3.31 1.67 -32.11
C LEU C 92 -2.40 0.82 -32.93
N ALA C 93 -2.78 0.57 -34.18
CA ALA C 93 -2.20 -0.54 -34.92
C ALA C 93 -0.71 -0.32 -35.10
N ASP C 94 -0.35 0.94 -35.24
CA ASP C 94 1.06 1.28 -35.37
C ASP C 94 1.93 0.98 -34.15
N SER C 95 1.45 1.29 -32.96
CA SER C 95 2.20 0.94 -31.77
C SER C 95 2.15 -0.60 -31.39
N LEU C 96 1.36 -1.39 -32.13
CA LEU C 96 1.19 -2.82 -31.85
C LEU C 96 2.10 -3.63 -32.79
N LYS C 97 2.82 -2.90 -33.64
CA LYS C 97 3.64 -3.50 -34.68
C LYS C 97 4.68 -4.42 -34.09
N GLY C 98 4.68 -5.65 -34.55
CA GLY C 98 5.64 -6.63 -34.08
C GLY C 98 5.37 -7.27 -32.72
N ARG C 99 4.25 -6.96 -32.08
CA ARG C 99 3.96 -7.57 -30.80
C ARG C 99 3.09 -8.78 -31.00
N VAL C 100 3.08 -9.66 -30.02
CA VAL C 100 2.23 -10.83 -29.97
C VAL C 100 0.91 -10.39 -29.39
N LEU C 101 -0.16 -10.70 -30.09
CA LEU C 101 -1.49 -10.34 -29.65
C LEU C 101 -2.36 -11.59 -29.50
N ILE C 102 -2.77 -11.89 -28.28
CA ILE C 102 -3.52 -13.10 -27.98
C ILE C 102 -5.02 -12.91 -27.97
N ASP C 103 -5.70 -13.49 -28.95
CA ASP C 103 -7.15 -13.44 -29.03
C ASP C 103 -7.72 -14.58 -28.16
N VAL C 104 -8.48 -14.23 -27.12
CA VAL C 104 -9.02 -15.19 -26.14
C VAL C 104 -10.53 -15.21 -26.29
N SER C 105 -11.07 -14.64 -27.35
CA SER C 105 -12.49 -14.36 -27.46
C SER C 105 -13.34 -15.60 -27.75
N ASN C 106 -14.58 -15.58 -27.27
CA ASN C 106 -15.69 -16.40 -27.80
C ASN C 106 -16.82 -15.51 -28.22
N ASN C 107 -17.71 -16.11 -28.98
CA ASN C 107 -18.96 -15.50 -29.34
C ASN C 107 -20.09 -16.08 -28.52
N GLN C 108 -21.18 -15.34 -28.45
CA GLN C 108 -22.36 -15.74 -27.71
C GLN C 108 -23.08 -16.92 -28.38
N LYS C 109 -23.01 -17.07 -29.71
CA LYS C 109 -23.70 -18.17 -30.43
C LYS C 109 -22.98 -18.53 -31.70
N MET C 110 -23.16 -19.77 -32.16
CA MET C 110 -22.53 -20.35 -33.38
C MET C 110 -22.79 -19.52 -34.65
N ASN C 111 -21.82 -19.50 -35.58
CA ASN C 111 -21.93 -18.68 -36.82
C ASN C 111 -22.45 -17.23 -36.60
N GLN C 112 -22.11 -16.61 -35.46
CA GLN C 112 -22.54 -15.23 -35.19
C GLN C 112 -21.87 -14.21 -36.12
N TYR C 113 -20.70 -14.59 -36.66
CA TYR C 113 -19.95 -13.79 -37.59
C TYR C 113 -19.37 -14.71 -38.60
N PRO C 114 -19.26 -14.24 -39.85
CA PRO C 114 -18.70 -15.06 -40.90
C PRO C 114 -17.18 -15.32 -40.75
N GLU C 115 -16.42 -14.36 -40.21
CA GLU C 115 -14.95 -14.53 -39.99
C GLU C 115 -14.76 -14.95 -38.57
N SER C 116 -13.68 -15.67 -38.31
CA SER C 116 -13.25 -15.87 -36.93
C SER C 116 -12.85 -14.51 -36.32
N ASN C 117 -13.01 -14.40 -35.01
CA ASN C 117 -12.65 -13.19 -34.32
C ASN C 117 -11.17 -12.90 -34.51
N ALA C 118 -10.35 -13.94 -34.44
CA ALA C 118 -8.89 -13.78 -34.56
C ALA C 118 -8.50 -13.30 -35.95
N GLU C 119 -9.19 -13.81 -36.97
CA GLU C 119 -8.91 -13.33 -38.31
C GLU C 119 -9.37 -11.92 -38.54
N TYR C 120 -10.47 -11.56 -37.93
CA TYR C 120 -10.89 -10.20 -37.91
C TYR C 120 -9.84 -9.29 -37.22
N LEU C 121 -9.35 -9.72 -36.09
CA LEU C 121 -8.29 -8.98 -35.39
C LEU C 121 -7.07 -8.77 -36.29
N ALA C 122 -6.67 -9.81 -37.02
CA ALA C 122 -5.50 -9.76 -37.91
C ALA C 122 -5.69 -8.65 -38.95
N GLN C 123 -6.91 -8.31 -39.30
CA GLN C 123 -7.07 -7.28 -40.32
C GLN C 123 -7.04 -5.89 -39.68
N LEU C 124 -7.44 -5.86 -38.42
CA LEU C 124 -7.46 -4.60 -37.68
C LEU C 124 -6.04 -4.19 -37.37
N VAL C 125 -5.17 -5.18 -37.07
CA VAL C 125 -3.80 -4.93 -36.61
C VAL C 125 -2.86 -5.76 -37.44
N PRO C 126 -2.55 -5.29 -38.67
CA PRO C 126 -1.86 -6.13 -39.62
C PRO C 126 -0.38 -6.34 -39.31
N GLY C 127 0.24 -5.53 -38.44
CA GLY C 127 1.64 -5.70 -38.04
C GLY C 127 1.85 -6.57 -36.79
N ALA C 128 0.77 -7.01 -36.14
CA ALA C 128 0.91 -7.79 -34.90
C ALA C 128 0.87 -9.28 -35.21
N HIS C 129 1.54 -10.09 -34.42
CA HIS C 129 1.42 -11.53 -34.60
C HIS C 129 0.22 -12.01 -33.79
N VAL C 130 -0.87 -12.39 -34.44
CA VAL C 130 -2.02 -12.90 -33.72
C VAL C 130 -1.82 -14.37 -33.39
N VAL C 131 -2.09 -14.73 -32.14
CA VAL C 131 -2.16 -16.13 -31.67
C VAL C 131 -3.50 -16.36 -30.95
N LYS C 132 -4.24 -17.42 -31.31
CA LYS C 132 -5.49 -17.76 -30.62
C LYS C 132 -5.13 -18.63 -29.45
N ALA C 133 -5.62 -18.33 -28.25
CA ALA C 133 -5.41 -19.17 -27.09
C ALA C 133 -6.32 -18.72 -25.95
N PHE C 134 -6.54 -19.63 -25.00
CA PHE C 134 -7.15 -19.38 -23.67
C PHE C 134 -8.67 -19.24 -23.67
N ASN C 135 -9.29 -19.34 -24.85
CA ASN C 135 -10.71 -19.07 -24.95
C ASN C 135 -11.56 -20.17 -24.28
N THR C 136 -10.97 -21.35 -24.02
CA THR C 136 -11.70 -22.41 -23.35
C THR C 136 -11.51 -22.41 -21.83
N ILE C 137 -10.80 -21.44 -21.28
CA ILE C 137 -10.65 -21.32 -19.82
C ILE C 137 -11.69 -20.34 -19.30
N SER C 138 -12.59 -20.76 -18.41
CA SER C 138 -13.48 -19.83 -17.71
C SER C 138 -12.73 -18.87 -16.79
N ALA C 139 -13.18 -17.62 -16.77
CA ALA C 139 -12.73 -16.64 -15.78
C ALA C 139 -12.91 -17.27 -14.41
N TRP C 140 -11.89 -17.15 -13.59
CA TRP C 140 -11.89 -17.63 -12.20
C TRP C 140 -11.59 -19.12 -12.03
N ALA C 141 -11.62 -19.92 -13.11
CA ALA C 141 -11.16 -21.34 -13.02
C ALA C 141 -9.67 -21.45 -12.66
N LEU C 142 -8.84 -20.51 -13.10
CA LEU C 142 -7.41 -20.51 -12.74
C LEU C 142 -7.22 -20.29 -11.24
N GLN C 143 -8.18 -19.63 -10.59
CA GLN C 143 -8.11 -19.44 -9.13
C GLN C 143 -8.68 -20.65 -8.39
N SER C 144 -9.78 -21.20 -8.88
CA SER C 144 -10.50 -22.25 -8.12
C SER C 144 -9.83 -23.62 -8.25
N GLY C 145 -9.04 -23.80 -9.31
CA GLY C 145 -8.43 -25.11 -9.60
C GLY C 145 -9.52 -26.13 -9.97
N THR C 146 -10.48 -25.70 -10.80
CA THR C 146 -11.54 -26.61 -11.34
C THR C 146 -11.88 -26.26 -12.80
N SER C 150 -10.72 -29.46 -17.41
CA SER C 150 -9.73 -29.55 -18.50
C SER C 150 -8.63 -28.51 -18.41
N ARG C 151 -7.37 -29.00 -18.44
CA ARG C 151 -6.17 -28.13 -18.45
C ARG C 151 -5.67 -27.79 -19.89
N GLN C 152 -6.39 -28.28 -20.90
CA GLN C 152 -5.96 -28.12 -22.29
C GLN C 152 -6.27 -26.76 -22.87
N VAL C 153 -5.33 -26.27 -23.65
CA VAL C 153 -5.43 -24.96 -24.27
C VAL C 153 -5.06 -25.08 -25.76
N PHE C 154 -6.03 -24.89 -26.65
CA PHE C 154 -5.75 -24.95 -28.07
C PHE C 154 -5.12 -23.64 -28.49
N VAL C 155 -3.98 -23.77 -29.17
CA VAL C 155 -3.23 -22.62 -29.66
C VAL C 155 -3.10 -22.65 -31.18
N CYS C 156 -3.27 -21.52 -31.86
CA CYS C 156 -2.93 -21.47 -33.26
C CYS C 156 -2.48 -20.10 -33.67
N GLY C 157 -1.87 -20.05 -34.86
CA GLY C 157 -1.26 -18.83 -35.32
C GLY C 157 -0.20 -19.04 -36.37
N ASN C 158 0.12 -17.97 -37.08
CA ASN C 158 0.94 -18.08 -38.27
C ASN C 158 2.43 -17.97 -38.05
N ASP C 159 2.81 -17.64 -36.83
CA ASP C 159 4.20 -17.47 -36.46
C ASP C 159 4.62 -18.43 -35.32
N SER C 160 5.62 -19.26 -35.56
CA SER C 160 5.99 -20.26 -34.51
C SER C 160 6.66 -19.67 -33.30
N LYS C 161 7.46 -18.63 -33.46
CA LYS C 161 8.06 -17.93 -32.31
C LYS C 161 6.96 -17.31 -31.41
N ALA C 162 5.97 -16.64 -32.01
CA ALA C 162 4.89 -16.07 -31.26
C ALA C 162 4.11 -17.19 -30.55
N LYS C 163 3.76 -18.24 -31.27
CA LYS C 163 3.04 -19.35 -30.65
C LYS C 163 3.81 -19.96 -29.49
N ASP C 164 5.10 -20.21 -29.70
CA ASP C 164 5.91 -20.85 -28.64
C ASP C 164 5.87 -19.98 -27.39
N ARG C 165 5.88 -18.68 -27.58
CA ARG C 165 5.87 -17.80 -26.44
C ARG C 165 4.56 -17.87 -25.64
N VAL C 166 3.45 -18.01 -26.36
CA VAL C 166 2.15 -18.15 -25.74
C VAL C 166 1.99 -19.54 -25.07
N MET C 167 2.53 -20.57 -25.72
CA MET C 167 2.55 -21.87 -25.13
C MET C 167 3.40 -21.90 -23.85
N ASP C 168 4.51 -21.19 -23.77
CA ASP C 168 5.29 -21.10 -22.54
C ASP C 168 4.50 -20.44 -21.41
N ILE C 169 3.71 -19.44 -21.74
CA ILE C 169 2.86 -18.80 -20.75
C ILE C 169 1.84 -19.81 -20.26
N ALA C 170 1.28 -20.57 -21.21
CA ALA C 170 0.25 -21.56 -20.86
C ALA C 170 0.79 -22.54 -19.84
N ARG C 171 1.98 -23.06 -20.09
CA ARG C 171 2.61 -24.02 -19.16
C ARG C 171 2.93 -23.39 -17.80
N THR C 172 3.47 -22.18 -17.79
CA THR C 172 3.82 -21.56 -16.54
C THR C 172 2.56 -21.43 -15.66
N LEU C 173 1.40 -21.23 -16.30
CA LEU C 173 0.13 -21.12 -15.59
C LEU C 173 -0.50 -22.48 -15.17
N GLY C 174 0.18 -23.59 -15.48
CA GLY C 174 -0.31 -24.94 -15.13
C GLY C 174 -1.16 -25.61 -16.19
N LEU C 175 -1.12 -25.08 -17.40
CA LEU C 175 -1.99 -25.58 -18.47
C LEU C 175 -1.17 -26.41 -19.44
N THR C 176 -1.89 -27.17 -20.26
CA THR C 176 -1.30 -28.04 -21.26
C THR C 176 -1.69 -27.51 -22.63
N PRO C 177 -0.79 -26.79 -23.31
CA PRO C 177 -1.12 -26.24 -24.60
C PRO C 177 -0.91 -27.25 -25.71
N LEU C 178 -1.68 -27.11 -26.78
CA LEU C 178 -1.60 -27.95 -27.97
C LEU C 178 -1.56 -27.03 -29.18
N ASP C 179 -0.57 -27.18 -30.04
CA ASP C 179 -0.45 -26.36 -31.25
C ASP C 179 -1.35 -26.90 -32.34
N GLN C 180 -2.42 -26.22 -32.68
CA GLN C 180 -3.37 -26.70 -33.65
C GLN C 180 -3.14 -26.22 -35.07
N GLY C 181 -2.06 -25.49 -35.32
CA GLY C 181 -1.72 -25.09 -36.66
C GLY C 181 -1.74 -23.58 -36.87
N SER C 182 -2.07 -23.17 -38.07
CA SER C 182 -2.01 -21.78 -38.45
C SER C 182 -3.26 -21.05 -37.97
N LEU C 183 -3.32 -19.77 -38.23
CA LEU C 183 -4.52 -18.99 -37.86
C LEU C 183 -5.87 -19.56 -38.42
N VAL C 184 -5.80 -20.30 -39.53
CA VAL C 184 -7.00 -20.89 -40.13
C VAL C 184 -7.69 -21.88 -39.15
N ALA C 185 -6.96 -22.49 -38.23
CA ALA C 185 -7.56 -23.27 -37.17
C ALA C 185 -8.46 -22.45 -36.17
N ALA C 186 -8.44 -21.12 -36.25
CA ALA C 186 -9.10 -20.27 -35.19
C ALA C 186 -10.63 -20.41 -35.11
N LYS C 187 -11.28 -20.54 -36.27
CA LYS C 187 -12.72 -20.71 -36.33
C LYS C 187 -13.16 -21.93 -35.48
N GLU C 188 -12.52 -23.08 -35.69
CA GLU C 188 -12.85 -24.29 -34.93
C GLU C 188 -12.54 -24.18 -33.42
N ILE C 189 -11.47 -23.45 -33.07
CA ILE C 189 -11.14 -23.22 -31.65
C ILE C 189 -12.22 -22.36 -30.99
N GLU C 190 -12.76 -21.40 -31.73
CA GLU C 190 -13.77 -20.51 -31.20
C GLU C 190 -15.12 -21.21 -31.03
N ASN C 191 -15.37 -22.15 -31.93
CA ASN C 191 -16.61 -22.93 -31.91
C ASN C 191 -16.63 -23.83 -30.69
N TYR C 192 -15.48 -24.33 -30.32
CA TYR C 192 -15.36 -25.43 -29.38
C TYR C 192 -16.18 -25.29 -28.10
N PRO C 193 -16.10 -24.12 -27.41
CA PRO C 193 -16.94 -24.04 -26.22
C PRO C 193 -18.40 -23.95 -26.55
N LEU C 194 -18.78 -23.65 -27.79
CA LEU C 194 -20.21 -23.54 -28.11
C LEU C 194 -20.82 -24.90 -28.36
N GLN C 195 -20.01 -25.96 -28.42
CA GLN C 195 -20.51 -27.27 -28.90
C GLN C 195 -20.00 -28.49 -28.09
N GLN D 19 -22.58 1.30 1.26
CA GLN D 19 -22.53 0.43 2.48
C GLN D 19 -21.30 0.75 3.37
N GLY D 20 -21.23 0.12 4.54
CA GLY D 20 -20.22 0.49 5.53
C GLY D 20 -18.87 -0.19 5.26
N VAL D 21 -18.11 -0.35 6.33
CA VAL D 21 -16.79 -0.93 6.29
C VAL D 21 -16.85 -2.36 6.83
N VAL D 22 -16.17 -3.28 6.17
CA VAL D 22 -16.00 -4.61 6.70
C VAL D 22 -14.54 -4.94 6.74
N CYS D 23 -14.13 -5.61 7.79
CA CYS D 23 -12.75 -6.04 7.93
C CYS D 23 -12.64 -7.57 7.71
N ILE D 24 -11.66 -7.97 6.91
CA ILE D 24 -11.39 -9.41 6.68
C ILE D 24 -10.00 -9.73 7.27
N PHE D 25 -10.00 -10.62 8.26
CA PHE D 25 -8.77 -11.17 8.85
C PHE D 25 -8.31 -12.26 7.91
N GLY D 26 -7.16 -12.08 7.30
CA GLY D 26 -6.52 -13.13 6.55
C GLY D 26 -6.61 -12.83 5.10
N THR D 27 -5.57 -13.16 4.36
CA THR D 27 -5.42 -12.71 3.00
C THR D 27 -5.26 -13.90 2.00
N GLY D 28 -5.83 -15.04 2.33
CA GLY D 28 -5.67 -16.24 1.51
C GLY D 28 -6.70 -16.30 0.41
N ASP D 29 -7.08 -17.51 -0.02
CA ASP D 29 -8.07 -17.69 -1.07
C ASP D 29 -9.44 -17.15 -0.69
N PHE D 30 -9.94 -17.52 0.49
CA PHE D 30 -11.27 -17.06 0.92
C PHE D 30 -11.34 -15.55 1.16
N GLY D 31 -10.41 -15.01 1.92
CA GLY D 31 -10.32 -13.57 2.18
C GLY D 31 -10.25 -12.75 0.89
N LYS D 32 -9.41 -13.20 -0.05
CA LYS D 32 -9.31 -12.48 -1.35
C LYS D 32 -10.62 -12.51 -2.09
N SER D 33 -11.23 -13.69 -2.16
CA SER D 33 -12.40 -13.85 -3.00
C SER D 33 -13.52 -13.00 -2.40
N LEU D 34 -13.67 -13.07 -1.08
CA LEU D 34 -14.76 -12.31 -0.41
C LEU D 34 -14.51 -10.81 -0.42
N GLY D 35 -13.28 -10.41 -0.23
CA GLY D 35 -12.90 -9.01 -0.28
C GLY D 35 -13.23 -8.39 -1.61
N LEU D 36 -12.90 -9.09 -2.67
CA LEU D 36 -13.14 -8.59 -4.01
CA LEU D 36 -13.13 -8.62 -4.03
C LEU D 36 -14.63 -8.42 -4.26
N LYS D 37 -15.43 -9.44 -3.93
CA LYS D 37 -16.90 -9.39 -4.04
C LYS D 37 -17.51 -8.29 -3.16
N MET D 38 -17.03 -8.17 -1.94
CA MET D 38 -17.49 -7.06 -1.10
C MET D 38 -17.14 -5.66 -1.68
N LEU D 39 -15.96 -5.51 -2.23
CA LEU D 39 -15.60 -4.23 -2.93
C LEU D 39 -16.57 -4.03 -4.09
N GLN D 40 -16.86 -5.08 -4.86
CA GLN D 40 -17.69 -4.95 -6.01
C GLN D 40 -19.12 -4.57 -5.63
N CYS D 41 -19.56 -4.98 -4.45
CA CYS D 41 -20.90 -4.63 -3.94
C CYS D 41 -21.00 -3.34 -3.14
N GLY D 42 -19.93 -2.58 -3.07
CA GLY D 42 -20.03 -1.24 -2.52
C GLY D 42 -19.53 -1.09 -1.09
N TYR D 43 -19.08 -2.17 -0.44
CA TYR D 43 -18.43 -2.05 0.87
C TYR D 43 -17.01 -1.44 0.78
N SER D 44 -16.56 -0.76 1.82
CA SER D 44 -15.15 -0.55 2.02
C SER D 44 -14.60 -1.75 2.72
N VAL D 45 -13.40 -2.17 2.35
CA VAL D 45 -12.80 -3.38 2.88
C VAL D 45 -11.45 -3.02 3.46
N VAL D 46 -11.16 -3.56 4.63
CA VAL D 46 -9.85 -3.50 5.22
C VAL D 46 -9.43 -4.94 5.48
N PHE D 47 -8.22 -5.32 5.07
CA PHE D 47 -7.60 -6.59 5.45
C PHE D 47 -6.68 -6.46 6.67
N GLY D 48 -6.81 -7.45 7.56
CA GLY D 48 -5.78 -7.70 8.58
C GLY D 48 -4.92 -8.84 8.11
N SER D 49 -3.61 -8.69 8.31
CA SER D 49 -2.57 -9.60 7.83
C SER D 49 -1.37 -9.60 8.81
N ARG D 50 -0.69 -10.75 8.84
CA ARG D 50 0.61 -10.87 9.50
C ARG D 50 1.66 -10.00 8.83
N ASN D 51 1.56 -9.83 7.52
CA ASN D 51 2.55 -9.02 6.77
C ASN D 51 1.86 -8.06 5.83
N PRO D 52 1.40 -6.92 6.36
CA PRO D 52 0.62 -5.96 5.55
C PRO D 52 1.41 -5.33 4.43
N GLN D 53 2.75 -5.37 4.46
CA GLN D 53 3.51 -4.77 3.36
C GLN D 53 3.58 -5.69 2.16
N VAL D 54 3.19 -6.95 2.34
CA VAL D 54 3.19 -7.92 1.27
C VAL D 54 1.74 -8.00 0.74
N SER D 55 1.44 -7.19 -0.26
CA SER D 55 0.03 -7.09 -0.71
C SER D 55 -0.17 -7.10 -2.25
N SER D 56 0.80 -7.61 -3.01
CA SER D 56 0.70 -7.58 -4.48
C SER D 56 -0.57 -8.16 -5.07
N LEU D 57 -1.05 -9.24 -4.48
CA LEU D 57 -2.21 -9.95 -5.01
C LEU D 57 -3.51 -9.42 -4.44
N LEU D 58 -3.48 -8.38 -3.60
CA LEU D 58 -4.70 -7.86 -2.99
C LEU D 58 -5.27 -6.69 -3.81
N PRO D 59 -6.56 -6.48 -3.75
CA PRO D 59 -7.14 -5.43 -4.55
C PRO D 59 -6.84 -4.06 -4.02
N ARG D 60 -6.61 -3.11 -4.93
CA ARG D 60 -6.21 -1.72 -4.64
C ARG D 60 -7.20 -1.03 -3.72
N GLY D 61 -8.47 -1.38 -3.87
CA GLY D 61 -9.47 -0.72 -3.11
C GLY D 61 -9.53 -1.09 -1.63
N ALA D 62 -8.73 -2.03 -1.16
CA ALA D 62 -8.73 -2.42 0.25
C ALA D 62 -7.48 -2.01 0.93
N GLU D 63 -7.63 -1.39 2.08
CA GLU D 63 -6.46 -1.08 2.90
C GLU D 63 -5.95 -2.38 3.56
N VAL D 64 -4.63 -2.53 3.74
CA VAL D 64 -4.05 -3.73 4.34
C VAL D 64 -3.24 -3.28 5.57
N LEU D 65 -3.55 -3.90 6.72
CA LEU D 65 -3.07 -3.43 8.02
C LEU D 65 -2.73 -4.60 8.93
N CYS D 66 -2.00 -4.37 10.01
CA CYS D 66 -1.86 -5.38 11.04
C CYS D 66 -3.22 -5.76 11.63
N TYR D 67 -3.35 -6.98 12.11
CA TYR D 67 -4.60 -7.45 12.69
C TYR D 67 -5.19 -6.50 13.72
N SER D 68 -4.37 -6.05 14.67
CA SER D 68 -4.88 -5.17 15.73
C SER D 68 -5.41 -3.86 15.19
N GLU D 69 -4.72 -3.30 14.18
CA GLU D 69 -5.13 -2.01 13.67
C GLU D 69 -6.33 -2.24 12.76
N ALA D 70 -6.32 -3.32 12.01
CA ALA D 70 -7.47 -3.65 11.10
C ALA D 70 -8.74 -3.72 11.89
N ALA D 71 -8.65 -4.26 13.10
CA ALA D 71 -9.83 -4.48 13.93
C ALA D 71 -10.49 -3.17 14.37
N SER D 72 -9.68 -2.11 14.51
CA SER D 72 -10.20 -0.82 15.00
C SER D 72 -11.01 -0.16 13.90
N ARG D 73 -10.96 -0.66 12.68
CA ARG D 73 -11.62 0.01 11.57
C ARG D 73 -13.08 -0.35 11.29
N SER D 74 -13.59 -1.41 11.90
CA SER D 74 -14.92 -1.85 11.60
C SER D 74 -15.51 -2.56 12.77
N ASP D 75 -16.83 -2.63 12.84
CA ASP D 75 -17.37 -3.50 13.88
C ASP D 75 -17.80 -4.87 13.38
N VAL D 76 -17.46 -5.18 12.11
CA VAL D 76 -17.64 -6.52 11.54
C VAL D 76 -16.35 -7.07 10.97
N ILE D 77 -15.83 -8.11 11.59
CA ILE D 77 -14.63 -8.77 11.16
C ILE D 77 -14.94 -10.16 10.67
N VAL D 78 -14.57 -10.47 9.43
CA VAL D 78 -14.66 -11.87 8.90
C VAL D 78 -13.35 -12.58 9.20
N LEU D 79 -13.41 -13.74 9.87
CA LEU D 79 -12.22 -14.48 10.23
C LEU D 79 -11.82 -15.52 9.15
N ALA D 80 -11.13 -15.06 8.10
CA ALA D 80 -10.74 -15.91 6.95
C ALA D 80 -9.39 -16.54 7.19
N VAL D 81 -9.35 -17.31 8.29
CA VAL D 81 -8.24 -18.00 8.86
C VAL D 81 -8.70 -19.41 9.30
N HIS D 82 -7.86 -20.45 9.17
CA HIS D 82 -8.16 -21.83 9.62
C HIS D 82 -8.16 -21.91 11.12
N ARG D 83 -9.03 -22.75 11.68
CA ARG D 83 -9.12 -22.89 13.11
C ARG D 83 -7.78 -23.16 13.80
N GLU D 84 -6.91 -23.91 13.14
CA GLU D 84 -5.62 -24.27 13.69
C GLU D 84 -4.79 -23.04 14.00
N HIS D 85 -5.09 -21.91 13.37
CA HIS D 85 -4.31 -20.72 13.57
C HIS D 85 -5.09 -19.60 14.25
N TYR D 86 -6.17 -19.95 14.96
CA TYR D 86 -6.89 -18.99 15.76
C TYR D 86 -6.09 -18.41 16.95
N ASP D 87 -5.02 -19.07 17.38
CA ASP D 87 -4.35 -18.78 18.65
C ASP D 87 -3.99 -17.28 18.87
N PHE D 88 -3.54 -16.63 17.81
CA PHE D 88 -3.14 -15.23 17.91
C PHE D 88 -4.28 -14.30 18.37
N LEU D 89 -5.53 -14.74 18.19
CA LEU D 89 -6.67 -13.97 18.64
C LEU D 89 -6.74 -13.75 20.15
N ALA D 90 -6.20 -14.66 20.95
CA ALA D 90 -6.14 -14.47 22.42
C ALA D 90 -5.48 -13.14 22.79
N GLU D 91 -4.39 -12.80 22.12
CA GLU D 91 -3.64 -11.57 22.48
C GLU D 91 -4.36 -10.27 21.99
N LEU D 92 -5.36 -10.45 21.11
CA LEU D 92 -6.13 -9.35 20.55
C LEU D 92 -7.49 -9.16 21.20
N ALA D 93 -7.83 -10.02 22.15
CA ALA D 93 -9.21 -10.14 22.61
C ALA D 93 -9.78 -8.76 22.98
N ASP D 94 -8.94 -7.89 23.54
CA ASP D 94 -9.42 -6.58 23.97
C ASP D 94 -9.64 -5.61 22.83
N SER D 95 -8.90 -5.76 21.76
CA SER D 95 -9.22 -4.93 20.61
C SER D 95 -10.44 -5.43 19.81
N LEU D 96 -11.05 -6.55 20.21
CA LEU D 96 -12.19 -7.13 19.47
C LEU D 96 -13.47 -7.08 20.27
N LYS D 97 -13.41 -6.50 21.47
CA LYS D 97 -14.57 -6.40 22.36
C LYS D 97 -15.63 -5.66 21.59
N GLY D 98 -16.84 -6.23 21.56
CA GLY D 98 -17.99 -5.55 21.00
C GLY D 98 -18.08 -5.63 19.49
N ARG D 99 -17.13 -6.29 18.82
CA ARG D 99 -17.27 -6.48 17.38
C ARG D 99 -17.99 -7.76 17.04
N VAL D 100 -18.58 -7.79 15.88
CA VAL D 100 -19.13 -8.98 15.36
C VAL D 100 -18.00 -9.72 14.67
N LEU D 101 -17.79 -10.98 15.05
CA LEU D 101 -16.75 -11.83 14.49
C LEU D 101 -17.38 -13.04 13.77
N ILE D 102 -17.21 -13.12 12.45
CA ILE D 102 -17.87 -14.12 11.64
C ILE D 102 -16.97 -15.29 11.40
N ASP D 103 -17.40 -16.44 11.89
CA ASP D 103 -16.61 -17.64 11.75
C ASP D 103 -17.09 -18.33 10.47
N VAL D 104 -16.19 -18.41 9.50
CA VAL D 104 -16.46 -19.00 8.19
C VAL D 104 -15.80 -20.39 8.02
N SER D 105 -15.30 -20.99 9.10
CA SER D 105 -14.32 -22.11 9.02
C SER D 105 -14.96 -23.45 8.76
N ASN D 106 -14.20 -24.35 8.12
CA ASN D 106 -14.50 -25.76 8.07
C ASN D 106 -13.30 -26.48 8.55
N ASN D 107 -13.48 -27.74 8.90
CA ASN D 107 -12.40 -28.57 9.31
C ASN D 107 -12.06 -29.51 8.16
N GLN D 108 -10.91 -30.16 8.27
CA GLN D 108 -10.43 -31.11 7.24
C GLN D 108 -11.12 -32.46 7.31
N LYS D 109 -11.72 -32.82 8.46
CA LYS D 109 -12.49 -34.08 8.55
C LYS D 109 -13.56 -33.97 9.62
N MET D 110 -14.50 -34.90 9.63
CA MET D 110 -15.53 -35.01 10.66
C MET D 110 -14.95 -35.27 12.07
N ASN D 111 -15.61 -34.79 13.12
CA ASN D 111 -15.15 -34.99 14.50
C ASN D 111 -13.65 -34.63 14.67
N GLN D 112 -13.19 -33.58 14.04
CA GLN D 112 -11.78 -33.22 14.24
C GLN D 112 -11.56 -32.59 15.60
N TYR D 113 -12.58 -31.87 16.10
CA TYR D 113 -12.54 -31.20 17.39
C TYR D 113 -13.87 -31.48 18.03
N PRO D 114 -13.95 -31.45 19.37
CA PRO D 114 -15.18 -31.87 20.11
C PRO D 114 -16.23 -30.78 20.24
N GLU D 115 -15.78 -29.55 20.06
CA GLU D 115 -16.67 -28.40 20.10
C GLU D 115 -16.57 -27.76 18.72
N SER D 116 -17.54 -26.94 18.35
CA SER D 116 -17.53 -26.31 17.06
C SER D 116 -16.48 -25.24 16.98
N ASN D 117 -16.02 -24.92 15.78
CA ASN D 117 -14.98 -23.89 15.66
C ASN D 117 -15.56 -22.56 16.19
N ALA D 118 -16.80 -22.29 15.86
CA ALA D 118 -17.36 -21.01 16.36
C ALA D 118 -17.37 -20.95 17.91
N GLU D 119 -17.63 -22.10 18.56
CA GLU D 119 -17.74 -22.11 20.06
C GLU D 119 -16.35 -21.82 20.63
N TYR D 120 -15.34 -22.49 20.11
CA TYR D 120 -13.97 -22.24 20.45
C TYR D 120 -13.69 -20.72 20.31
N LEU D 121 -14.04 -20.17 19.16
CA LEU D 121 -13.78 -18.78 18.88
C LEU D 121 -14.40 -17.93 20.00
N ALA D 122 -15.59 -18.33 20.43
CA ALA D 122 -16.32 -17.55 21.45
C ALA D 122 -15.63 -17.54 22.81
N GLN D 123 -14.81 -18.56 23.09
CA GLN D 123 -14.02 -18.61 24.33
C GLN D 123 -12.74 -17.78 24.19
N LEU D 124 -12.14 -17.81 22.99
CA LEU D 124 -10.91 -17.10 22.72
C LEU D 124 -11.18 -15.62 22.82
N VAL D 125 -12.34 -15.19 22.33
CA VAL D 125 -12.67 -13.79 22.27
C VAL D 125 -13.96 -13.53 23.00
N PRO D 126 -13.97 -13.59 24.35
CA PRO D 126 -15.26 -13.55 25.06
C PRO D 126 -16.07 -12.26 24.93
N GLY D 127 -15.44 -11.17 24.50
CA GLY D 127 -16.15 -9.89 24.33
C GLY D 127 -16.69 -9.63 22.89
N ALA D 128 -16.48 -10.57 21.99
CA ALA D 128 -16.97 -10.44 20.63
C ALA D 128 -18.28 -11.23 20.46
N HIS D 129 -19.11 -10.76 19.53
CA HIS D 129 -20.33 -11.47 19.20
C HIS D 129 -20.04 -12.43 18.02
N VAL D 130 -19.91 -13.72 18.31
CA VAL D 130 -19.62 -14.68 17.27
C VAL D 130 -20.90 -15.09 16.46
N VAL D 131 -20.78 -15.03 15.13
CA VAL D 131 -21.82 -15.51 14.21
C VAL D 131 -21.20 -16.49 13.25
N LYS D 132 -21.79 -17.67 13.10
CA LYS D 132 -21.32 -18.62 12.10
C LYS D 132 -21.99 -18.28 10.79
N ALA D 133 -21.23 -18.20 9.72
CA ALA D 133 -21.77 -18.00 8.38
C ALA D 133 -20.71 -18.19 7.29
N PHE D 134 -21.21 -18.45 6.08
CA PHE D 134 -20.44 -18.40 4.82
C PHE D 134 -19.51 -19.61 4.63
N ASN D 135 -19.51 -20.56 5.55
CA ASN D 135 -18.59 -21.70 5.42
C ASN D 135 -18.92 -22.64 4.27
N THR D 136 -20.15 -22.60 3.74
CA THR D 136 -20.56 -23.47 2.60
C THR D 136 -20.34 -22.78 1.28
N ILE D 137 -19.76 -21.59 1.25
CA ILE D 137 -19.40 -20.92 -0.03
C ILE D 137 -17.95 -21.22 -0.44
N SER D 138 -17.72 -21.86 -1.58
CA SER D 138 -16.36 -22.02 -2.05
C SER D 138 -15.72 -20.68 -2.44
N ALA D 139 -14.42 -20.54 -2.13
CA ALA D 139 -13.62 -19.40 -2.55
C ALA D 139 -13.76 -19.32 -4.07
N TRP D 140 -13.98 -18.12 -4.57
CA TRP D 140 -14.09 -17.86 -6.02
C TRP D 140 -15.47 -18.14 -6.63
N ALA D 141 -16.37 -18.85 -5.92
CA ALA D 141 -17.77 -19.09 -6.41
C ALA D 141 -18.53 -17.80 -6.44
N LEU D 142 -18.22 -16.87 -5.54
CA LEU D 142 -18.86 -15.56 -5.62
C LEU D 142 -18.44 -14.83 -6.89
N GLN D 143 -17.27 -15.13 -7.45
CA GLN D 143 -16.86 -14.46 -8.71
C GLN D 143 -17.42 -15.18 -9.94
N SER D 144 -17.44 -16.51 -9.89
CA SER D 144 -17.79 -17.32 -11.08
C SER D 144 -19.29 -17.44 -11.29
N GLY D 145 -20.09 -17.11 -10.25
CA GLY D 145 -21.57 -17.23 -10.32
C GLY D 145 -22.03 -18.69 -10.48
N THR D 146 -21.33 -19.61 -9.79
CA THR D 146 -21.69 -21.06 -9.81
C THR D 146 -21.55 -21.68 -8.39
N SER D 150 -25.80 -23.60 -5.08
CA SER D 150 -26.55 -23.13 -3.89
C SER D 150 -26.19 -21.69 -3.39
N ARG D 151 -27.23 -20.85 -3.30
CA ARG D 151 -27.09 -19.48 -2.80
C ARG D 151 -27.41 -19.37 -1.31
N GLN D 152 -27.71 -20.51 -0.66
CA GLN D 152 -28.07 -20.55 0.76
C GLN D 152 -26.87 -20.51 1.72
N VAL D 153 -27.06 -19.79 2.80
CA VAL D 153 -26.05 -19.57 3.76
C VAL D 153 -26.71 -19.81 5.11
N PHE D 154 -26.25 -20.80 5.84
CA PHE D 154 -26.72 -21.00 7.20
C PHE D 154 -26.04 -20.02 8.14
N VAL D 155 -26.83 -19.33 8.93
CA VAL D 155 -26.34 -18.39 9.93
C VAL D 155 -26.78 -18.76 11.35
N CYS D 156 -25.89 -18.71 12.34
CA CYS D 156 -26.32 -18.89 13.72
C CYS D 156 -25.42 -18.07 14.64
N GLY D 157 -25.90 -17.93 15.87
CA GLY D 157 -25.28 -17.07 16.84
C GLY D 157 -26.24 -16.67 17.93
N ASN D 158 -25.68 -16.21 19.03
CA ASN D 158 -26.50 -15.93 20.22
C ASN D 158 -27.06 -14.53 20.28
N ASP D 159 -26.59 -13.65 19.41
CA ASP D 159 -27.06 -12.26 19.41
C ASP D 159 -27.78 -11.95 18.10
N SER D 160 -29.07 -11.61 18.17
CA SER D 160 -29.86 -11.34 16.97
C SER D 160 -29.43 -10.08 16.24
N LYS D 161 -29.03 -9.02 16.93
CA LYS D 161 -28.46 -7.83 16.23
C LYS D 161 -27.16 -8.13 15.40
N ALA D 162 -26.26 -8.92 15.96
CA ALA D 162 -25.08 -9.35 15.21
C ALA D 162 -25.49 -10.27 14.02
N LYS D 163 -26.42 -11.23 14.26
CA LYS D 163 -26.89 -12.08 13.19
C LYS D 163 -27.58 -11.29 12.06
N ASP D 164 -28.48 -10.38 12.41
CA ASP D 164 -29.20 -9.65 11.37
C ASP D 164 -28.22 -8.82 10.51
N ARG D 165 -27.16 -8.32 11.14
CA ARG D 165 -26.14 -7.65 10.40
C ARG D 165 -25.40 -8.57 9.40
N VAL D 166 -25.04 -9.75 9.84
CA VAL D 166 -24.39 -10.71 8.95
C VAL D 166 -25.39 -11.13 7.83
N MET D 167 -26.65 -11.31 8.17
CA MET D 167 -27.64 -11.70 7.17
C MET D 167 -27.86 -10.58 6.11
N ASP D 168 -27.80 -9.34 6.52
CA ASP D 168 -27.86 -8.27 5.54
C ASP D 168 -26.65 -8.29 4.59
N ILE D 169 -25.48 -8.60 5.11
CA ILE D 169 -24.28 -8.77 4.25
C ILE D 169 -24.55 -9.89 3.26
N ALA D 170 -25.05 -11.03 3.74
CA ALA D 170 -25.33 -12.17 2.87
C ALA D 170 -26.23 -11.71 1.73
N ARG D 171 -27.31 -11.03 2.06
CA ARG D 171 -28.23 -10.56 1.01
C ARG D 171 -27.56 -9.57 0.03
N THR D 172 -26.77 -8.63 0.51
CA THR D 172 -26.13 -7.70 -0.37
C THR D 172 -25.17 -8.40 -1.37
N LEU D 173 -24.57 -9.51 -0.94
CA LEU D 173 -23.73 -10.35 -1.77
C LEU D 173 -24.49 -11.30 -2.72
N GLY D 174 -25.83 -11.28 -2.72
CA GLY D 174 -26.63 -12.12 -3.66
C GLY D 174 -27.05 -13.46 -3.07
N LEU D 175 -26.86 -13.64 -1.78
CA LEU D 175 -27.08 -14.91 -1.11
C LEU D 175 -28.40 -14.91 -0.33
N THR D 176 -28.80 -16.10 0.05
CA THR D 176 -30.04 -16.30 0.80
C THR D 176 -29.72 -16.86 2.17
N PRO D 177 -29.67 -15.99 3.17
CA PRO D 177 -29.40 -16.45 4.49
C PRO D 177 -30.60 -17.09 5.23
N LEU D 178 -30.27 -18.07 6.07
CA LEU D 178 -31.24 -18.77 6.90
C LEU D 178 -30.72 -18.79 8.33
N ASP D 179 -31.52 -18.28 9.27
CA ASP D 179 -31.18 -18.19 10.67
C ASP D 179 -31.43 -19.52 11.31
N GLN D 180 -30.38 -20.24 11.69
CA GLN D 180 -30.54 -21.57 12.28
C GLN D 180 -30.62 -21.57 13.80
N GLY D 181 -30.61 -20.43 14.44
CA GLY D 181 -30.75 -20.38 15.87
C GLY D 181 -29.53 -19.85 16.58
N SER D 182 -29.26 -20.41 17.75
CA SER D 182 -28.20 -19.96 18.62
C SER D 182 -26.88 -20.56 18.18
N LEU D 183 -25.79 -20.23 18.88
CA LEU D 183 -24.44 -20.76 18.48
C LEU D 183 -24.31 -22.27 18.52
N VAL D 184 -25.18 -22.93 19.28
CA VAL D 184 -25.21 -24.41 19.38
C VAL D 184 -25.47 -25.05 18.01
N ALA D 185 -26.18 -24.36 17.12
CA ALA D 185 -26.35 -24.83 15.72
C ALA D 185 -25.01 -24.88 14.89
N ALA D 186 -23.94 -24.31 15.42
CA ALA D 186 -22.66 -24.21 14.68
C ALA D 186 -22.01 -25.56 14.29
N LYS D 187 -22.09 -26.55 15.16
CA LYS D 187 -21.47 -27.84 14.90
C LYS D 187 -22.07 -28.42 13.61
N GLU D 188 -23.40 -28.46 13.51
CA GLU D 188 -24.09 -29.02 12.33
C GLU D 188 -23.78 -28.24 11.02
N ILE D 189 -23.69 -26.92 11.14
CA ILE D 189 -23.34 -26.08 10.00
C ILE D 189 -21.93 -26.38 9.51
N GLU D 190 -21.00 -26.64 10.42
CA GLU D 190 -19.64 -26.99 10.10
C GLU D 190 -19.52 -28.37 9.47
N ASN D 191 -20.35 -29.29 9.95
CA ASN D 191 -20.42 -30.64 9.41
C ASN D 191 -20.93 -30.65 8.00
N TYR D 192 -21.84 -29.75 7.69
CA TYR D 192 -22.58 -29.76 6.41
C TYR D 192 -21.75 -29.95 5.17
N PRO D 193 -20.68 -29.15 4.95
CA PRO D 193 -19.91 -29.47 3.74
C PRO D 193 -19.11 -30.78 3.76
N LEU D 194 -18.99 -31.43 4.91
CA LEU D 194 -18.26 -32.69 4.97
C LEU D 194 -19.16 -33.87 4.61
N GLN D 195 -20.47 -33.65 4.48
CA GLN D 195 -21.42 -34.78 4.40
C GLN D 195 -22.50 -34.58 3.32
PA NAP E . 3.94 17.63 19.90
O1A NAP E . 4.35 17.73 18.49
O2A NAP E . 3.03 18.61 20.49
O5B NAP E . 3.32 16.13 20.08
C5B NAP E . 2.88 15.80 21.38
C4B NAP E . 2.09 14.51 21.25
O4B NAP E . 1.53 14.25 22.50
C3B NAP E . 0.88 14.60 20.31
O3B NAP E . 1.20 14.28 18.97
C2B NAP E . -0.09 13.61 20.94
O2B NAP E . -0.12 12.42 20.13
C1B NAP E . 0.47 13.35 22.35
N9A NAP E . -0.49 13.61 23.40
C8A NAP E . -0.93 12.75 24.35
N7A NAP E . -1.83 13.39 25.11
C5A NAP E . -1.97 14.66 24.66
C6A NAP E . -2.76 15.74 25.08
N6A NAP E . -3.63 15.68 26.11
N1A NAP E . -2.63 16.91 24.40
C2A NAP E . -1.77 17.04 23.30
N3A NAP E . -1.00 15.98 22.91
C4A NAP E . -1.11 14.81 23.60
O3 NAP E . 5.27 17.60 20.78
PN NAP E . 6.67 17.14 20.22
O1N NAP E . 7.50 18.26 19.68
O2N NAP E . 6.67 15.85 19.50
O5D NAP E . 7.30 16.73 21.65
C5D NAP E . 7.02 15.56 22.33
C4D NAP E . 8.12 15.33 23.37
O4D NAP E . 9.40 15.29 22.72
C3D NAP E . 8.20 16.46 24.40
O3D NAP E . 8.36 15.91 25.66
C2D NAP E . 9.40 17.30 23.97
O2D NAP E . 9.88 18.10 25.03
C1D NAP E . 10.29 16.16 23.45
N1N NAP E . 11.30 16.64 22.52
C2N NAP E . 10.85 17.36 21.43
C3N NAP E . 11.77 17.84 20.52
C7N NAP E . 11.32 18.62 19.30
O7N NAP E . 12.34 19.14 18.49
N7N NAP E . 10.04 18.77 18.97
C4N NAP E . 13.14 17.62 20.74
C5N NAP E . 13.57 16.94 21.86
C6N NAP E . 12.63 16.42 22.78
P2B NAP E . -1.58 11.81 19.73
O1X NAP E . -2.18 11.25 21.02
O2X NAP E . -1.38 10.81 18.63
O3X NAP E . -2.42 12.93 19.35
S SO4 F . 10.91 20.78 23.01
O1 SO4 F . 11.09 22.07 23.62
O2 SO4 F . 9.46 20.52 22.97
O3 SO4 F . 11.39 20.73 21.64
O4 SO4 F . 11.60 19.77 23.79
PA NAP G . 17.91 10.18 -3.16
O1A NAP G . 17.59 10.21 -1.72
O2A NAP G . 19.05 9.50 -3.70
O5B NAP G . 16.60 9.75 -3.93
C5B NAP G . 16.70 9.63 -5.32
C4B NAP G . 15.48 8.91 -5.79
O4B NAP G . 15.58 8.74 -7.19
C3B NAP G . 15.31 7.49 -5.20
O3B NAP G . 14.57 7.61 -4.02
C2B NAP G . 14.60 6.76 -6.33
O2B NAP G . 13.28 6.49 -5.96
C1B NAP G . 14.73 7.71 -7.55
N9A NAP G . 15.31 7.03 -8.70
C8A NAP G . 14.77 6.88 -9.95
N7A NAP G . 15.64 6.14 -10.66
C5A NAP G . 16.69 5.87 -9.88
C6A NAP G . 17.87 5.13 -10.11
N6A NAP G . 18.12 4.56 -11.28
N1A NAP G . 18.76 5.01 -9.11
C2A NAP G . 18.56 5.59 -7.89
N3A NAP G . 17.40 6.30 -7.67
C4A NAP G . 16.51 6.44 -8.66
O3 NAP G . 18.17 11.74 -3.52
PN NAP G . 17.53 12.98 -2.88
O1N NAP G . 18.34 13.54 -1.76
O2N NAP G . 16.09 12.71 -2.58
O5D NAP G . 17.52 14.01 -4.08
C5D NAP G . 16.60 13.96 -5.15
C4D NAP G . 16.66 15.29 -5.91
O4D NAP G . 16.43 16.40 -5.05
C3D NAP G . 18.02 15.53 -6.56
O3D NAP G . 17.82 16.00 -7.87
C2D NAP G . 18.68 16.53 -5.60
O2D NAP G . 19.74 17.22 -6.19
C1D NAP G . 17.45 17.31 -5.19
N1N NAP G . 17.60 18.00 -3.93
C2N NAP G . 17.87 17.25 -2.82
C3N NAP G . 18.02 17.90 -1.61
C7N NAP G . 18.54 17.17 -0.39
O7N NAP G . 18.80 17.96 0.74
N7N NAP G . 18.63 15.85 -0.36
C4N NAP G . 17.83 19.28 -1.54
C5N NAP G . 17.52 20.02 -2.66
C6N NAP G . 17.39 19.35 -3.87
P2B NAP G . 12.58 5.05 -6.13
O1X NAP G . 12.36 4.85 -7.61
O2X NAP G . 11.33 4.99 -5.39
O3X NAP G . 13.55 4.10 -5.55
S SO4 H . 21.70 17.53 -3.38
O1 SO4 H . 23.13 17.64 -3.49
O2 SO4 H . 21.36 16.20 -3.80
O3 SO4 H . 21.35 17.76 -2.01
O4 SO4 H . 20.95 18.51 -4.09
PA NAP I . -15.91 -8.07 -19.77
O1A NAP I . -15.96 -8.55 -18.35
O2A NAP I . -17.09 -7.45 -20.37
O5B NAP I . -14.69 -7.07 -19.92
C5B NAP I . -14.52 -6.56 -21.21
C4B NAP I . -13.47 -5.48 -21.08
O4B NAP I . -13.29 -4.89 -22.33
C3B NAP I . -13.86 -4.35 -20.14
O3B NAP I . -13.45 -4.63 -18.83
C2B NAP I . -13.15 -3.15 -20.76
O2B NAP I . -12.04 -2.77 -19.99
C1B NAP I . -12.75 -3.63 -22.15
N9A NAP I . -13.26 -2.72 -23.17
C8A NAP I . -12.53 -2.05 -24.11
N7A NAP I . -13.41 -1.33 -24.80
C5A NAP I . -14.64 -1.53 -24.35
C6A NAP I . -15.89 -1.00 -24.74
N6A NAP I . -16.05 -0.12 -25.74
N1A NAP I . -17.01 -1.42 -24.05
C2A NAP I . -16.87 -2.33 -22.98
N3A NAP I . -15.64 -2.84 -22.62
C4A NAP I . -14.57 -2.43 -23.32
O3 NAP I . -15.65 -9.40 -20.63
PN NAP I . -14.82 -10.69 -20.08
O1N NAP I . -15.71 -11.71 -19.46
O2N NAP I . -13.67 -10.24 -19.33
O5D NAP I . -14.28 -11.25 -21.45
C5D NAP I . -13.27 -10.59 -22.20
C4D NAP I . -12.79 -11.53 -23.28
O4D NAP I . -12.38 -12.75 -22.77
C3D NAP I . -13.92 -11.86 -24.29
O3D NAP I . -13.34 -11.84 -25.55
C2D NAP I . -14.42 -13.26 -23.89
O2D NAP I . -15.07 -13.98 -24.90
C1D NAP I . -13.08 -13.81 -23.39
N1N NAP I . -13.30 -14.90 -22.45
C2N NAP I . -14.08 -14.68 -21.34
C3N NAP I . -14.34 -15.70 -20.45
C7N NAP I . -15.19 -15.49 -19.23
O7N NAP I . -15.33 -16.65 -18.48
N7N NAP I . -15.70 -14.29 -18.87
C4N NAP I . -13.77 -16.95 -20.68
C5N NAP I . -12.98 -17.17 -21.79
C6N NAP I . -12.74 -16.13 -22.69
P2B NAP I . -11.77 -1.22 -19.53
O1X NAP I . -11.33 -0.46 -20.75
O2X NAP I . -10.64 -1.35 -18.55
O3X NAP I . -13.01 -0.61 -19.07
S SO4 J . -17.43 -15.57 -22.84
O1 SO4 J . -18.69 -16.12 -23.35
O2 SO4 J . -17.63 -14.12 -22.82
O3 SO4 J . -17.35 -16.08 -21.48
O4 SO4 J . -16.25 -15.94 -23.60
S SO4 K . -3.59 2.47 0.05
O1 SO4 K . -4.80 2.70 0.85
O2 SO4 K . -2.74 1.50 0.73
O3 SO4 K . -4.00 2.11 -1.31
O4 SO4 K . -2.79 3.64 -0.23
PA NAP L . -5.62 -19.87 3.52
O1A NAP L . -5.75 -19.60 2.09
O2A NAP L . -4.59 -20.79 3.95
O5B NAP L . -5.54 -18.47 4.26
C5B NAP L . -5.43 -18.53 5.62
C4B NAP L . -5.00 -17.15 6.05
O4B NAP L . -4.89 -17.14 7.44
C3B NAP L . -3.63 -16.71 5.50
O3B NAP L . -3.79 -16.09 4.27
C2B NAP L . -3.12 -15.80 6.62
O2B NAP L . -3.18 -14.46 6.27
C1B NAP L . -4.03 -16.12 7.79
N9A NAP L . -3.22 -16.51 8.95
C8A NAP L . -3.19 -15.91 10.16
N7A NAP L . -2.29 -16.55 10.90
C5A NAP L . -1.79 -17.57 10.19
C6A NAP L . -0.81 -18.53 10.48
N6A NAP L . -0.21 -18.55 11.69
N1A NAP L . -0.47 -19.44 9.50
C2A NAP L . -1.08 -19.41 8.28
N3A NAP L . -2.05 -18.46 8.00
C4A NAP L . -2.38 -17.57 8.96
O3 NAP L . -7.08 -20.49 3.86
PN NAP L . -8.45 -20.18 3.09
O1N NAP L . -8.75 -21.10 2.00
O2N NAP L . -8.50 -18.70 2.73
O5D NAP L . -9.54 -20.41 4.21
C5D NAP L . -9.64 -19.52 5.32
C4D NAP L . -10.89 -19.86 6.06
O4D NAP L . -12.00 -19.82 5.21
C3D NAP L . -10.84 -21.28 6.68
O3D NAP L . -11.40 -21.27 7.97
C2D NAP L . -11.65 -22.15 5.75
O2D NAP L . -12.19 -23.32 6.35
C1D NAP L . -12.66 -21.10 5.34
N1N NAP L . -13.24 -21.44 4.05
C2N NAP L . -12.42 -21.53 2.97
C3N NAP L . -12.95 -21.84 1.74
C7N NAP L . -12.12 -22.14 0.55
O7N NAP L . -12.83 -22.68 -0.55
N7N NAP L . -10.83 -21.88 0.49
C4N NAP L . -14.35 -21.98 1.63
C5N NAP L . -15.15 -21.85 2.76
C6N NAP L . -14.60 -21.55 3.97
P2B NAP L . -1.93 -13.44 6.45
O1X NAP L . -1.79 -13.20 7.95
O2X NAP L . -2.25 -12.18 5.65
O3X NAP L . -0.71 -14.18 5.96
S SO4 M . -11.83 -25.28 3.45
O1 SO4 M . -11.64 -26.71 3.55
O2 SO4 M . -10.59 -24.70 3.95
O3 SO4 M . -11.98 -24.99 2.02
O4 SO4 M . -13.00 -24.83 4.18
#